data_6G4A
#
_entry.id   6G4A
#
_entity_poly.entity_id   1
_entity_poly.type   'polypeptide(L)'
_entity_poly.pdbx_seq_one_letter_code
;MHHHHHHASKPAPSAEHSYAEGEGLVKVFDNAPAEFTIFAVDTKGVARTDGGDPFEVAINGPDGLVVDAKVTDNNDGTYG
VVYDAPVEGNYNVNVTLRGNPIKNMPIDVKCIEG
;
_entity_poly.pdbx_strand_id   A
#
# COMPACT_ATOMS: atom_id res chain seq x y z
N MET A 1 -15.55 -13.51 -13.41
CA MET A 1 -14.76 -12.55 -12.62
C MET A 1 -13.70 -13.38 -11.89
N HIS A 2 -12.44 -12.93 -11.98
CA HIS A 2 -11.39 -13.74 -11.36
C HIS A 2 -11.40 -13.51 -9.86
N HIS A 3 -11.38 -12.28 -9.38
CA HIS A 3 -11.47 -11.93 -7.98
C HIS A 3 -12.94 -12.04 -7.58
N HIS A 4 -13.24 -12.99 -6.70
CA HIS A 4 -14.55 -13.37 -6.23
C HIS A 4 -14.44 -14.11 -4.90
N HIS A 5 -15.36 -13.86 -3.97
CA HIS A 5 -15.55 -14.66 -2.78
C HIS A 5 -16.47 -15.84 -2.93
N HIS A 6 -15.78 -16.97 -3.14
CA HIS A 6 -16.36 -18.28 -3.36
C HIS A 6 -16.73 -18.92 -2.02
N HIS A 7 -15.94 -18.71 -0.97
CA HIS A 7 -16.07 -19.47 0.25
C HIS A 7 -15.70 -18.64 1.47
N ALA A 8 -15.98 -19.15 2.69
CA ALA A 8 -15.75 -18.52 3.95
C ALA A 8 -14.40 -18.76 4.61
N SER A 9 -13.37 -18.95 3.79
CA SER A 9 -11.96 -18.99 4.17
C SER A 9 -11.06 -18.30 3.16
N LYS A 10 -9.83 -17.90 3.53
CA LYS A 10 -9.01 -17.08 2.66
C LYS A 10 -7.53 -17.43 2.76
N PRO A 11 -6.74 -17.59 1.68
CA PRO A 11 -5.33 -17.82 1.88
C PRO A 11 -4.68 -16.53 2.35
N ALA A 12 -3.44 -16.53 2.82
CA ALA A 12 -2.79 -15.32 3.33
C ALA A 12 -1.81 -14.69 2.36
N PRO A 13 -1.72 -13.38 2.09
CA PRO A 13 -0.66 -12.56 1.57
C PRO A 13 0.65 -12.71 2.33
N SER A 14 1.77 -12.56 1.63
CA SER A 14 3.10 -12.91 2.11
C SER A 14 4.08 -11.92 1.54
N ALA A 15 5.21 -11.95 2.26
CA ALA A 15 6.31 -11.02 2.13
C ALA A 15 7.04 -11.09 0.79
N GLU A 16 7.36 -12.25 0.22
CA GLU A 16 7.82 -12.52 -1.12
C GLU A 16 6.78 -12.19 -2.18
N HIS A 17 5.51 -12.11 -1.78
CA HIS A 17 4.28 -12.14 -2.55
C HIS A 17 3.34 -10.95 -2.42
N SER A 18 3.90 -9.85 -1.89
CA SER A 18 3.23 -8.58 -1.97
C SER A 18 4.24 -7.46 -2.18
N TYR A 19 3.86 -6.59 -3.13
CA TYR A 19 4.67 -5.57 -3.76
C TYR A 19 3.72 -4.48 -4.25
N ALA A 20 4.20 -3.23 -4.23
CA ALA A 20 3.41 -2.04 -4.50
C ALA A 20 4.01 -0.96 -5.39
N GLU A 21 3.19 -0.20 -6.12
CA GLU A 21 3.64 0.62 -7.21
C GLU A 21 2.80 1.82 -7.64
N GLY A 22 3.41 2.92 -8.07
CA GLY A 22 2.80 4.12 -8.63
C GLY A 22 3.26 5.43 -8.02
N GLU A 23 2.54 6.50 -8.41
CA GLU A 23 2.88 7.88 -8.15
C GLU A 23 3.01 8.12 -6.65
N GLY A 24 2.22 7.56 -5.75
CA GLY A 24 2.25 7.72 -4.30
C GLY A 24 3.48 7.09 -3.66
N LEU A 25 4.41 6.44 -4.36
CA LEU A 25 5.70 5.97 -3.94
C LEU A 25 6.74 6.65 -4.82
N VAL A 26 6.46 7.78 -5.47
CA VAL A 26 7.42 8.67 -6.10
C VAL A 26 7.32 10.11 -5.58
N LYS A 27 6.17 10.77 -5.53
CA LYS A 27 5.99 12.18 -5.34
C LYS A 27 4.61 12.47 -4.75
N VAL A 28 4.48 13.35 -3.77
CA VAL A 28 3.28 13.57 -2.98
C VAL A 28 3.18 15.04 -2.63
N PHE A 29 2.00 15.67 -2.65
CA PHE A 29 1.75 17.09 -2.49
C PHE A 29 0.61 17.57 -1.63
N ASP A 30 0.20 18.84 -1.55
CA ASP A 30 -0.62 19.46 -0.54
C ASP A 30 -2.07 19.43 -0.97
N ASN A 31 -2.30 20.04 -2.15
CA ASN A 31 -3.53 20.03 -2.91
C ASN A 31 -3.69 19.05 -4.06
N ALA A 32 -2.64 18.27 -4.33
CA ALA A 32 -2.75 17.03 -5.08
C ALA A 32 -2.40 15.84 -4.17
N PRO A 33 -3.37 15.26 -3.46
CA PRO A 33 -3.28 13.90 -3.00
C PRO A 33 -2.76 12.87 -4.00
N ALA A 34 -1.86 11.99 -3.55
CA ALA A 34 -1.15 11.00 -4.33
C ALA A 34 -1.62 9.58 -4.07
N GLU A 35 -1.46 8.66 -5.03
CA GLU A 35 -1.96 7.31 -5.08
C GLU A 35 -0.94 6.32 -5.61
N PHE A 36 -0.97 5.07 -5.14
CA PHE A 36 -0.31 3.87 -5.65
C PHE A 36 -1.03 2.60 -5.25
N THR A 37 -0.55 1.44 -5.75
CA THR A 37 -1.24 0.16 -5.76
C THR A 37 -0.53 -1.02 -5.09
N ILE A 38 -1.22 -1.66 -4.16
CA ILE A 38 -0.74 -2.93 -3.68
C ILE A 38 -1.00 -4.12 -4.59
N PHE A 39 -0.02 -4.91 -5.07
CA PHE A 39 -0.11 -6.09 -5.89
C PHE A 39 0.26 -7.39 -5.21
N ALA A 40 -0.76 -8.04 -4.66
CA ALA A 40 -0.78 -9.14 -3.72
C ALA A 40 -0.96 -10.51 -4.37
N VAL A 41 -0.17 -11.43 -3.82
CA VAL A 41 -0.24 -12.88 -4.05
C VAL A 41 -0.21 -13.57 -2.70
N ASP A 42 -1.05 -14.58 -2.47
CA ASP A 42 -0.90 -15.46 -1.34
C ASP A 42 0.38 -16.28 -1.26
N THR A 43 0.53 -17.10 -2.29
CA THR A 43 1.68 -17.88 -2.70
C THR A 43 1.51 -18.36 -4.14
N LYS A 44 0.29 -18.53 -4.63
CA LYS A 44 0.02 -19.31 -5.84
C LYS A 44 0.37 -18.57 -7.13
N GLY A 45 1.22 -17.54 -7.03
CA GLY A 45 1.73 -16.72 -8.12
C GLY A 45 0.74 -15.93 -8.95
N VAL A 46 -0.40 -16.46 -9.40
CA VAL A 46 -1.54 -15.67 -9.80
C VAL A 46 -1.96 -14.68 -8.71
N ALA A 47 -2.36 -13.46 -9.08
CA ALA A 47 -3.06 -12.55 -8.21
C ALA A 47 -4.00 -13.15 -7.19
N ARG A 48 -4.20 -12.43 -6.08
CA ARG A 48 -5.17 -12.81 -5.06
C ARG A 48 -6.59 -12.88 -5.60
N THR A 49 -7.32 -13.99 -5.38
CA THR A 49 -8.60 -14.35 -5.96
C THR A 49 -9.78 -13.82 -5.17
N ASP A 50 -9.66 -13.09 -4.07
CA ASP A 50 -10.71 -12.48 -3.27
C ASP A 50 -10.20 -11.41 -2.33
N GLY A 51 -11.04 -10.47 -1.91
CA GLY A 51 -10.64 -9.14 -1.45
C GLY A 51 -10.61 -9.11 0.06
N GLY A 52 -10.38 -7.91 0.56
CA GLY A 52 -10.46 -7.50 1.96
C GLY A 52 -9.47 -8.19 2.87
N ASP A 53 -8.27 -8.57 2.41
CA ASP A 53 -7.16 -8.84 3.31
C ASP A 53 -6.89 -7.56 4.07
N PRO A 54 -6.49 -7.56 5.34
CA PRO A 54 -6.02 -6.38 6.07
C PRO A 54 -4.56 -6.02 5.89
N PHE A 55 -4.31 -4.73 5.71
CA PHE A 55 -3.05 -4.08 5.36
C PHE A 55 -2.82 -2.84 6.21
N GLU A 56 -1.61 -2.29 6.28
CA GLU A 56 -1.25 -0.98 6.77
C GLU A 56 -0.09 -0.34 6.03
N VAL A 57 -0.15 0.97 5.79
CA VAL A 57 0.74 1.80 5.01
C VAL A 57 1.07 2.98 5.92
N ALA A 58 1.70 2.62 7.03
CA ALA A 58 2.03 3.56 8.09
C ALA A 58 3.33 4.30 7.85
N ILE A 59 3.39 5.63 8.01
CA ILE A 59 4.41 6.44 7.38
C ILE A 59 4.86 7.49 8.39
N ASN A 60 6.14 7.88 8.38
CA ASN A 60 6.57 9.05 9.11
C ASN A 60 7.03 10.11 8.13
N GLY A 61 6.55 11.36 8.24
CA GLY A 61 7.17 12.56 7.73
C GLY A 61 8.08 13.26 8.73
N PRO A 62 8.60 14.46 8.46
CA PRO A 62 9.49 15.16 9.37
C PRO A 62 8.83 15.53 10.68
N ASP A 63 9.46 15.10 11.78
CA ASP A 63 8.97 15.30 13.13
C ASP A 63 7.57 14.76 13.29
N GLY A 64 6.54 15.58 13.53
CA GLY A 64 5.26 15.18 14.07
C GLY A 64 4.33 14.54 13.05
N LEU A 65 4.79 14.35 11.81
CA LEU A 65 3.92 13.91 10.74
C LEU A 65 3.81 12.41 10.59
N VAL A 66 3.09 11.91 11.61
CA VAL A 66 2.82 10.48 11.71
C VAL A 66 1.55 10.20 10.93
N VAL A 67 1.62 9.47 9.81
CA VAL A 67 0.50 9.37 8.89
C VAL A 67 0.24 7.88 8.62
N ASP A 68 -1.00 7.48 8.31
CA ASP A 68 -1.21 6.28 7.54
C ASP A 68 -1.99 6.59 6.27
N ALA A 69 -1.52 5.91 5.22
CA ALA A 69 -2.05 5.99 3.87
C ALA A 69 -3.18 4.97 3.79
N LYS A 70 -4.37 5.43 3.37
CA LYS A 70 -5.63 4.74 3.45
C LYS A 70 -5.79 3.76 2.30
N VAL A 71 -6.23 2.54 2.63
CA VAL A 71 -6.22 1.41 1.72
C VAL A 71 -7.67 1.15 1.33
N THR A 72 -7.78 0.84 0.03
CA THR A 72 -9.06 0.41 -0.51
C THR A 72 -8.83 -0.65 -1.58
N ASP A 73 -9.53 -1.78 -1.41
CA ASP A 73 -9.52 -2.90 -2.32
C ASP A 73 -10.09 -2.52 -3.69
N ASN A 74 -9.39 -2.83 -4.79
CA ASN A 74 -9.87 -2.65 -6.14
C ASN A 74 -10.75 -3.74 -6.68
N ASN A 75 -10.86 -4.89 -6.01
CA ASN A 75 -11.54 -6.10 -6.45
C ASN A 75 -10.97 -6.78 -7.68
N ASP A 76 -9.64 -6.96 -7.66
CA ASP A 76 -8.91 -7.64 -8.72
C ASP A 76 -7.57 -8.26 -8.37
N GLY A 77 -7.26 -8.27 -7.06
CA GLY A 77 -6.03 -8.76 -6.46
C GLY A 77 -5.08 -7.59 -6.27
N THR A 78 -5.59 -6.35 -6.33
CA THR A 78 -4.83 -5.14 -6.03
C THR A 78 -5.62 -4.17 -5.17
N TYR A 79 -4.90 -3.18 -4.62
CA TYR A 79 -5.44 -2.25 -3.67
C TYR A 79 -4.96 -0.85 -4.03
N GLY A 80 -5.88 0.08 -4.28
CA GLY A 80 -5.53 1.50 -4.28
C GLY A 80 -5.35 2.08 -2.89
N VAL A 81 -4.26 2.84 -2.71
CA VAL A 81 -3.90 3.67 -1.58
C VAL A 81 -3.79 5.15 -1.92
N VAL A 82 -4.15 5.98 -0.95
CA VAL A 82 -4.04 7.42 -1.07
C VAL A 82 -3.42 8.09 0.17
N TYR A 83 -2.59 9.10 -0.08
CA TYR A 83 -2.10 9.99 0.96
C TYR A 83 -1.54 11.28 0.39
N ASP A 84 -1.29 12.30 1.23
CA ASP A 84 -1.02 13.68 0.86
C ASP A 84 -0.01 14.28 1.83
N ALA A 85 0.74 15.30 1.40
CA ALA A 85 1.93 15.85 2.01
C ALA A 85 1.87 17.34 2.31
N PRO A 86 1.96 17.83 3.54
CA PRO A 86 1.81 19.25 3.82
C PRO A 86 3.01 20.06 3.33
N VAL A 87 4.14 19.44 3.00
CA VAL A 87 5.50 19.83 3.28
C VAL A 87 6.46 19.65 2.10
N GLU A 88 7.29 20.66 1.77
CA GLU A 88 8.61 20.32 1.28
C GLU A 88 9.43 19.41 2.20
N GLY A 89 9.74 18.16 1.88
CA GLY A 89 10.40 17.23 2.78
C GLY A 89 10.42 15.78 2.30
N ASN A 90 10.33 14.77 3.17
CA ASN A 90 10.40 13.35 2.88
C ASN A 90 9.52 12.47 3.75
N TYR A 91 8.78 11.54 3.15
CA TYR A 91 7.98 10.52 3.83
C TYR A 91 8.81 9.25 3.74
N ASN A 92 8.60 8.47 4.80
CA ASN A 92 9.20 7.19 5.15
C ASN A 92 8.17 6.12 5.42
N VAL A 93 8.06 5.21 4.46
CA VAL A 93 6.89 4.37 4.27
C VAL A 93 7.26 2.93 4.62
N ASN A 94 6.39 2.34 5.43
CA ASN A 94 6.32 0.97 5.90
C ASN A 94 4.96 0.39 5.63
N VAL A 95 4.94 -0.70 4.83
CA VAL A 95 3.74 -1.49 4.65
C VAL A 95 3.67 -2.77 5.47
N THR A 96 2.52 -3.27 5.91
CA THR A 96 2.35 -4.45 6.73
C THR A 96 1.02 -5.16 6.48
N LEU A 97 1.05 -6.49 6.66
CA LEU A 97 0.14 -7.48 6.12
C LEU A 97 -0.38 -8.39 7.24
N ARG A 98 -1.65 -8.15 7.58
CA ARG A 98 -2.28 -8.54 8.82
C ARG A 98 -1.41 -8.05 9.98
N GLY A 99 -0.94 -6.80 9.87
CA GLY A 99 -0.06 -6.29 10.89
C GLY A 99 1.24 -7.04 11.16
N ASN A 100 1.74 -7.73 10.13
CA ASN A 100 3.02 -8.42 10.13
C ASN A 100 3.86 -7.88 9.00
N PRO A 101 5.19 -7.77 9.22
CA PRO A 101 6.06 -7.05 8.31
C PRO A 101 6.43 -7.99 7.16
N ILE A 102 7.16 -7.40 6.22
CA ILE A 102 7.48 -7.89 4.89
C ILE A 102 8.84 -7.37 4.45
N LYS A 103 9.24 -7.69 3.22
CA LYS A 103 10.54 -7.34 2.66
C LYS A 103 10.60 -5.91 2.14
N ASN A 104 11.84 -5.44 1.95
CA ASN A 104 12.09 -4.21 1.24
C ASN A 104 11.44 -2.94 1.78
N MET A 105 11.61 -2.54 3.05
CA MET A 105 10.83 -1.59 3.80
C MET A 105 11.67 -1.23 5.00
N PRO A 106 11.55 0.03 5.46
CA PRO A 106 10.83 1.17 4.94
C PRO A 106 11.50 1.67 3.68
N ILE A 107 10.78 2.50 2.92
CA ILE A 107 11.23 3.20 1.75
C ILE A 107 10.85 4.66 1.89
N ASP A 108 11.32 5.47 0.94
CA ASP A 108 11.31 6.93 0.96
C ASP A 108 10.65 7.65 -0.20
N VAL A 109 9.90 8.72 0.07
CA VAL A 109 9.15 9.44 -0.94
C VAL A 109 9.02 10.93 -0.68
N LYS A 110 9.44 11.67 -1.71
CA LYS A 110 9.58 13.11 -1.74
C LYS A 110 8.21 13.74 -1.63
N CYS A 111 8.08 14.69 -0.69
CA CYS A 111 6.89 15.46 -0.40
C CYS A 111 7.20 16.85 -0.93
N ILE A 112 6.24 17.56 -1.53
CA ILE A 112 6.37 18.94 -1.94
C ILE A 112 5.06 19.71 -1.77
N GLU A 113 4.99 20.99 -1.40
CA GLU A 113 3.84 21.63 -0.78
C GLU A 113 2.96 22.29 -1.83
N GLY A 114 2.57 21.53 -2.84
CA GLY A 114 1.79 21.91 -4.02
C GLY A 114 0.29 21.91 -3.77
N MET A 1 -15.10 -5.28 -10.83
CA MET A 1 -15.01 -6.66 -10.35
C MET A 1 -14.18 -7.50 -11.32
N HIS A 2 -12.85 -7.51 -11.17
CA HIS A 2 -11.82 -8.22 -11.89
C HIS A 2 -11.08 -9.23 -11.04
N HIS A 3 -11.75 -9.98 -10.17
CA HIS A 3 -11.23 -11.11 -9.42
C HIS A 3 -11.27 -12.41 -10.23
N HIS A 4 -10.66 -13.49 -9.74
CA HIS A 4 -10.69 -14.81 -10.36
C HIS A 4 -10.55 -15.94 -9.35
N HIS A 5 -11.53 -16.84 -9.35
CA HIS A 5 -11.69 -17.83 -8.32
C HIS A 5 -11.36 -19.26 -8.71
N HIS A 6 -10.63 -20.00 -7.88
CA HIS A 6 -10.01 -21.26 -8.26
C HIS A 6 -10.14 -22.41 -7.27
N HIS A 7 -10.10 -22.18 -5.95
CA HIS A 7 -9.89 -23.20 -4.95
C HIS A 7 -10.84 -22.79 -3.84
N ALA A 8 -11.25 -23.78 -3.04
CA ALA A 8 -12.10 -23.55 -1.89
C ALA A 8 -11.49 -22.57 -0.88
N SER A 9 -10.35 -22.90 -0.29
CA SER A 9 -9.58 -22.06 0.61
C SER A 9 -9.28 -20.67 0.07
N LYS A 10 -9.11 -19.70 0.96
CA LYS A 10 -8.57 -18.36 0.73
C LYS A 10 -7.16 -18.41 1.32
N PRO A 11 -6.10 -18.60 0.53
CA PRO A 11 -4.72 -18.43 0.97
C PRO A 11 -4.38 -16.95 1.10
N ALA A 12 -3.42 -16.68 2.01
CA ALA A 12 -3.05 -15.33 2.37
C ALA A 12 -1.80 -14.75 1.73
N PRO A 13 -1.59 -13.43 1.73
CA PRO A 13 -0.45 -12.80 1.11
C PRO A 13 0.81 -13.01 1.94
N SER A 14 2.00 -12.67 1.42
CA SER A 14 3.24 -12.72 2.16
C SER A 14 4.25 -11.71 1.64
N ALA A 15 5.38 -11.60 2.35
CA ALA A 15 6.33 -10.55 2.09
C ALA A 15 7.04 -10.71 0.76
N GLU A 16 7.40 -11.94 0.41
CA GLU A 16 7.88 -12.43 -0.87
C GLU A 16 6.96 -12.09 -2.04
N HIS A 17 5.67 -12.12 -1.69
CA HIS A 17 4.53 -12.22 -2.57
C HIS A 17 3.60 -11.03 -2.41
N SER A 18 4.09 -9.91 -1.86
CA SER A 18 3.28 -8.70 -1.85
C SER A 18 4.25 -7.57 -2.20
N TYR A 19 3.68 -6.72 -3.06
CA TYR A 19 4.48 -5.70 -3.69
C TYR A 19 3.57 -4.62 -4.30
N ALA A 20 4.14 -3.41 -4.40
CA ALA A 20 3.46 -2.18 -4.79
C ALA A 20 4.17 -1.19 -5.69
N GLU A 21 3.42 -0.44 -6.51
CA GLU A 21 3.87 0.34 -7.65
C GLU A 21 2.89 1.46 -7.98
N GLY A 22 3.34 2.70 -8.23
CA GLY A 22 2.55 3.84 -8.63
C GLY A 22 3.13 5.16 -8.12
N GLU A 23 2.62 6.26 -8.68
CA GLU A 23 3.24 7.55 -8.44
C GLU A 23 3.12 7.92 -6.96
N GLY A 24 2.24 7.39 -6.12
CA GLY A 24 2.27 7.54 -4.67
C GLY A 24 3.46 6.96 -3.95
N LEU A 25 4.43 6.33 -4.60
CA LEU A 25 5.74 5.91 -4.15
C LEU A 25 6.86 6.75 -4.78
N VAL A 26 6.65 7.90 -5.42
CA VAL A 26 7.57 8.79 -6.09
C VAL A 26 7.36 10.24 -5.69
N LYS A 27 6.15 10.79 -5.79
CA LYS A 27 5.91 12.22 -5.85
C LYS A 27 4.44 12.43 -5.50
N VAL A 28 4.20 13.29 -4.50
CA VAL A 28 2.94 13.67 -3.90
C VAL A 28 2.92 15.18 -3.66
N PHE A 29 1.74 15.80 -3.58
CA PHE A 29 1.55 17.22 -3.39
C PHE A 29 0.52 17.51 -2.30
N ASP A 30 0.23 18.81 -2.10
CA ASP A 30 -0.64 19.25 -1.03
C ASP A 30 -2.08 19.23 -1.49
N ASN A 31 -2.25 19.79 -2.69
CA ASN A 31 -3.54 19.82 -3.37
C ASN A 31 -3.70 18.93 -4.60
N ALA A 32 -2.69 18.09 -4.87
CA ALA A 32 -2.83 17.03 -5.85
C ALA A 32 -2.50 15.80 -5.00
N PRO A 33 -3.47 15.01 -4.50
CA PRO A 33 -3.23 13.69 -3.95
C PRO A 33 -2.67 12.70 -4.97
N ALA A 34 -2.00 11.64 -4.50
CA ALA A 34 -1.33 10.62 -5.27
C ALA A 34 -1.81 9.22 -4.94
N GLU A 35 -1.72 8.27 -5.88
CA GLU A 35 -2.24 6.93 -5.71
C GLU A 35 -1.13 5.93 -6.04
N PHE A 36 -1.22 4.71 -5.49
CA PHE A 36 -0.26 3.65 -5.68
C PHE A 36 -0.96 2.36 -5.27
N THR A 37 -0.53 1.21 -5.78
CA THR A 37 -1.27 -0.04 -5.82
C THR A 37 -0.46 -1.13 -5.15
N ILE A 38 -1.03 -1.72 -4.10
CA ILE A 38 -0.59 -2.96 -3.50
C ILE A 38 -1.09 -4.16 -4.28
N PHE A 39 -0.24 -4.81 -5.09
CA PHE A 39 -0.44 -6.11 -5.68
C PHE A 39 -0.07 -7.28 -4.75
N ALA A 40 -1.00 -8.20 -4.51
CA ALA A 40 -0.75 -9.35 -3.65
C ALA A 40 -0.71 -10.58 -4.54
N VAL A 41 0.14 -11.52 -4.14
CA VAL A 41 0.07 -12.91 -4.54
C VAL A 41 0.14 -13.73 -3.26
N ASP A 42 -0.64 -14.81 -3.12
CA ASP A 42 -0.66 -15.70 -1.98
C ASP A 42 0.65 -16.47 -1.84
N THR A 43 1.09 -17.10 -2.93
CA THR A 43 2.16 -18.08 -2.85
C THR A 43 2.99 -18.10 -4.13
N LYS A 44 2.47 -18.37 -5.31
CA LYS A 44 3.23 -18.43 -6.55
C LYS A 44 2.60 -17.71 -7.73
N GLY A 45 3.06 -16.51 -8.05
CA GLY A 45 2.81 -15.86 -9.33
C GLY A 45 1.42 -15.27 -9.47
N VAL A 46 0.42 -16.14 -9.47
CA VAL A 46 -1.02 -15.88 -9.59
C VAL A 46 -1.45 -15.03 -8.41
N ALA A 47 -2.07 -13.89 -8.75
CA ALA A 47 -2.57 -12.98 -7.75
C ALA A 47 -3.44 -13.66 -6.70
N ARG A 48 -3.64 -12.80 -5.69
CA ARG A 48 -4.70 -13.07 -4.75
C ARG A 48 -5.98 -13.26 -5.54
N THR A 49 -6.72 -14.37 -5.37
CA THR A 49 -7.88 -14.88 -6.07
C THR A 49 -9.15 -14.18 -5.61
N ASP A 50 -9.03 -13.56 -4.44
CA ASP A 50 -10.11 -12.82 -3.79
C ASP A 50 -9.48 -11.74 -2.94
N GLY A 51 -10.27 -10.80 -2.42
CA GLY A 51 -9.80 -9.57 -1.80
C GLY A 51 -9.82 -9.56 -0.27
N GLY A 52 -10.16 -8.45 0.37
CA GLY A 52 -10.51 -8.37 1.78
C GLY A 52 -9.39 -8.57 2.78
N ASP A 53 -8.13 -8.69 2.36
CA ASP A 53 -7.10 -8.91 3.35
C ASP A 53 -6.68 -7.70 4.17
N PRO A 54 -6.35 -7.70 5.46
CA PRO A 54 -6.03 -6.48 6.17
C PRO A 54 -4.59 -5.99 6.03
N PHE A 55 -4.50 -4.71 5.64
CA PHE A 55 -3.24 -4.08 5.27
C PHE A 55 -3.14 -2.68 5.85
N GLU A 56 -1.93 -2.12 5.93
CA GLU A 56 -1.72 -0.74 6.31
C GLU A 56 -0.43 -0.14 5.74
N VAL A 57 -0.43 1.18 5.53
CA VAL A 57 0.54 2.02 4.87
C VAL A 57 0.73 3.20 5.82
N ALA A 58 1.81 3.11 6.59
CA ALA A 58 2.08 4.01 7.69
C ALA A 58 3.43 4.69 7.58
N ILE A 59 3.44 5.98 7.91
CA ILE A 59 4.34 6.92 7.26
C ILE A 59 4.90 7.85 8.32
N ASN A 60 6.21 7.81 8.54
CA ASN A 60 6.95 8.71 9.41
C ASN A 60 7.37 9.89 8.56
N GLY A 61 7.28 11.13 9.06
CA GLY A 61 7.36 12.41 8.38
C GLY A 61 8.11 13.44 9.19
N PRO A 62 8.40 14.64 8.66
CA PRO A 62 8.93 15.79 9.38
C PRO A 62 8.26 16.19 10.68
N ASP A 63 9.11 16.66 11.58
CA ASP A 63 8.83 16.89 12.99
C ASP A 63 8.61 15.60 13.77
N GLY A 64 8.82 14.40 13.24
CA GLY A 64 8.72 13.12 13.93
C GLY A 64 7.27 12.72 14.11
N LEU A 65 6.45 13.10 13.13
CA LEU A 65 5.05 12.75 12.99
C LEU A 65 4.79 11.38 12.39
N VAL A 66 3.83 10.60 12.90
CA VAL A 66 3.27 9.41 12.30
C VAL A 66 1.90 9.63 11.68
N VAL A 67 1.62 8.94 10.58
CA VAL A 67 0.42 9.03 9.75
C VAL A 67 0.16 7.66 9.15
N ASP A 68 -1.08 7.33 8.83
CA ASP A 68 -1.37 6.25 7.91
C ASP A 68 -2.37 6.59 6.82
N ALA A 69 -2.09 6.12 5.60
CA ALA A 69 -2.58 6.44 4.28
C ALA A 69 -3.71 5.52 3.84
N LYS A 70 -4.86 5.98 3.33
CA LYS A 70 -6.05 5.16 3.17
C LYS A 70 -5.90 4.14 2.07
N VAL A 71 -6.14 2.86 2.41
CA VAL A 71 -6.05 1.72 1.53
C VAL A 71 -7.48 1.28 1.24
N THR A 72 -7.70 0.91 -0.02
CA THR A 72 -8.97 0.43 -0.51
C THR A 72 -8.85 -0.65 -1.57
N ASP A 73 -9.56 -1.76 -1.33
CA ASP A 73 -9.56 -3.00 -2.11
C ASP A 73 -10.22 -2.75 -3.46
N ASN A 74 -9.48 -3.16 -4.51
CA ASN A 74 -9.96 -3.13 -5.87
C ASN A 74 -10.66 -4.36 -6.41
N ASN A 75 -10.92 -5.40 -5.62
CA ASN A 75 -11.68 -6.56 -6.05
C ASN A 75 -11.10 -7.21 -7.31
N ASP A 76 -9.77 -7.34 -7.36
CA ASP A 76 -8.96 -7.82 -8.46
C ASP A 76 -7.61 -8.41 -8.10
N GLY A 77 -7.24 -8.54 -6.82
CA GLY A 77 -5.94 -8.97 -6.36
C GLY A 77 -5.04 -7.82 -5.96
N THR A 78 -5.52 -6.57 -5.99
CA THR A 78 -4.80 -5.37 -5.59
C THR A 78 -5.55 -4.40 -4.71
N TYR A 79 -4.79 -3.46 -4.13
CA TYR A 79 -5.38 -2.43 -3.31
C TYR A 79 -4.87 -1.06 -3.72
N GLY A 80 -5.82 -0.11 -3.84
CA GLY A 80 -5.56 1.30 -4.08
C GLY A 80 -5.22 1.96 -2.74
N VAL A 81 -4.14 2.75 -2.81
CA VAL A 81 -3.59 3.59 -1.77
C VAL A 81 -3.62 5.05 -2.23
N VAL A 82 -4.01 5.99 -1.37
CA VAL A 82 -4.11 7.40 -1.69
C VAL A 82 -3.49 8.27 -0.58
N TYR A 83 -2.71 9.25 -1.03
CA TYR A 83 -1.99 10.04 -0.05
C TYR A 83 -1.62 11.43 -0.56
N ASP A 84 -1.69 12.37 0.37
CA ASP A 84 -1.43 13.79 0.18
C ASP A 84 -0.44 14.24 1.25
N ALA A 85 0.36 15.23 0.89
CA ALA A 85 1.50 15.73 1.65
C ALA A 85 1.29 17.15 2.10
N PRO A 86 1.14 17.45 3.40
CA PRO A 86 0.91 18.78 3.91
C PRO A 86 2.09 19.75 3.87
N VAL A 87 3.33 19.26 3.64
CA VAL A 87 4.53 20.06 3.69
C VAL A 87 5.51 19.57 2.63
N GLU A 88 6.22 20.53 2.03
CA GLU A 88 7.44 20.23 1.29
C GLU A 88 8.29 19.35 2.18
N GLY A 89 8.66 18.14 1.77
CA GLY A 89 9.39 17.27 2.65
C GLY A 89 9.72 15.95 1.98
N ASN A 90 10.54 15.14 2.66
CA ASN A 90 10.72 13.70 2.53
C ASN A 90 9.95 12.92 3.60
N TYR A 91 9.25 11.89 3.13
CA TYR A 91 8.35 11.10 3.96
C TYR A 91 8.76 9.65 3.80
N ASN A 92 8.53 8.90 4.88
CA ASN A 92 9.02 7.53 5.00
C ASN A 92 7.94 6.47 5.15
N VAL A 93 7.72 5.60 4.17
CA VAL A 93 6.55 4.75 4.08
C VAL A 93 7.01 3.37 4.53
N ASN A 94 6.23 2.74 5.41
CA ASN A 94 6.22 1.35 5.85
C ASN A 94 4.86 0.69 5.63
N VAL A 95 4.91 -0.47 4.96
CA VAL A 95 3.67 -1.14 4.64
C VAL A 95 3.63 -2.50 5.34
N THR A 96 2.46 -2.92 5.80
CA THR A 96 2.34 -4.10 6.63
C THR A 96 1.10 -4.92 6.28
N LEU A 97 1.05 -6.20 6.65
CA LEU A 97 0.30 -7.27 6.01
C LEU A 97 -0.35 -8.00 7.19
N ARG A 98 -1.58 -7.70 7.58
CA ARG A 98 -2.13 -8.22 8.81
C ARG A 98 -1.21 -7.97 10.00
N GLY A 99 -0.59 -6.78 9.99
CA GLY A 99 0.37 -6.37 10.99
C GLY A 99 1.66 -7.16 11.05
N ASN A 100 2.11 -7.56 9.85
CA ASN A 100 3.44 -8.08 9.62
C ASN A 100 4.22 -7.14 8.71
N PRO A 101 5.50 -6.94 8.96
CA PRO A 101 6.36 -6.30 7.97
C PRO A 101 6.65 -7.21 6.80
N ILE A 102 7.18 -6.58 5.75
CA ILE A 102 7.44 -7.12 4.43
C ILE A 102 8.78 -6.69 3.87
N LYS A 103 9.18 -7.11 2.67
CA LYS A 103 10.49 -6.87 2.10
C LYS A 103 10.64 -5.43 1.65
N ASN A 104 11.88 -5.03 1.38
CA ASN A 104 12.23 -3.74 0.80
C ASN A 104 11.93 -2.54 1.70
N MET A 105 11.04 -2.69 2.67
CA MET A 105 10.59 -1.68 3.61
C MET A 105 11.61 -1.18 4.61
N PRO A 106 11.42 0.02 5.19
CA PRO A 106 10.61 1.13 4.77
C PRO A 106 11.30 1.80 3.59
N ILE A 107 10.55 2.57 2.80
CA ILE A 107 10.96 3.21 1.57
C ILE A 107 10.53 4.67 1.61
N ASP A 108 11.11 5.54 0.77
CA ASP A 108 11.16 6.98 0.92
C ASP A 108 10.44 7.68 -0.22
N VAL A 109 9.83 8.84 0.04
CA VAL A 109 9.02 9.60 -0.87
C VAL A 109 9.28 11.12 -0.76
N LYS A 110 9.76 11.73 -1.82
CA LYS A 110 9.79 13.19 -1.84
C LYS A 110 8.49 13.87 -2.22
N CYS A 111 8.10 14.92 -1.50
CA CYS A 111 6.81 15.58 -1.59
C CYS A 111 7.06 17.06 -1.82
N ILE A 112 6.37 17.68 -2.77
CA ILE A 112 6.50 19.10 -3.02
C ILE A 112 5.12 19.72 -2.85
N GLU A 113 4.97 20.91 -2.28
CA GLU A 113 3.79 21.45 -1.62
C GLU A 113 2.72 22.07 -2.52
N GLY A 114 2.48 21.39 -3.64
CA GLY A 114 1.56 21.84 -4.68
C GLY A 114 0.09 21.73 -4.29
N MET A 1 -10.99 -4.58 -14.43
CA MET A 1 -10.37 -5.86 -14.04
C MET A 1 -11.05 -6.42 -12.82
N HIS A 2 -10.92 -7.73 -12.62
CA HIS A 2 -11.79 -8.43 -11.68
C HIS A 2 -11.16 -9.66 -11.04
N HIS A 3 -11.61 -9.89 -9.80
CA HIS A 3 -11.46 -11.09 -9.01
C HIS A 3 -11.83 -12.39 -9.72
N HIS A 4 -10.99 -13.42 -9.59
CA HIS A 4 -11.04 -14.69 -10.29
C HIS A 4 -10.82 -15.85 -9.32
N HIS A 5 -11.70 -16.02 -8.33
CA HIS A 5 -11.83 -17.11 -7.38
C HIS A 5 -12.66 -18.20 -8.04
N HIS A 6 -12.52 -19.46 -7.62
CA HIS A 6 -13.22 -20.64 -8.04
C HIS A 6 -13.65 -21.57 -6.91
N HIS A 7 -12.94 -21.66 -5.78
CA HIS A 7 -13.19 -22.47 -4.60
C HIS A 7 -13.21 -21.68 -3.31
N ALA A 8 -14.04 -22.01 -2.32
CA ALA A 8 -14.15 -21.21 -1.12
C ALA A 8 -12.98 -21.11 -0.15
N SER A 9 -12.09 -22.09 -0.01
CA SER A 9 -10.83 -21.86 0.70
C SER A 9 -9.88 -20.89 0.02
N LYS A 10 -9.35 -19.94 0.78
CA LYS A 10 -8.47 -18.87 0.37
C LYS A 10 -7.16 -18.87 1.14
N PRO A 11 -6.05 -18.51 0.47
CA PRO A 11 -4.78 -18.24 1.11
C PRO A 11 -4.69 -16.76 1.41
N ALA A 12 -3.59 -16.37 2.07
CA ALA A 12 -3.36 -15.00 2.46
C ALA A 12 -2.13 -14.50 1.70
N PRO A 13 -1.91 -13.19 1.59
CA PRO A 13 -0.67 -12.70 1.05
C PRO A 13 0.60 -13.25 1.68
N SER A 14 1.75 -13.04 1.06
CA SER A 14 3.04 -13.14 1.72
C SER A 14 3.88 -11.92 1.31
N ALA A 15 4.76 -11.50 2.21
CA ALA A 15 5.89 -10.60 2.07
C ALA A 15 6.75 -10.96 0.87
N GLU A 16 6.85 -12.26 0.55
CA GLU A 16 7.54 -12.76 -0.63
C GLU A 16 6.88 -12.37 -1.95
N HIS A 17 5.60 -12.02 -1.89
CA HIS A 17 4.64 -12.03 -2.99
C HIS A 17 3.64 -10.88 -3.04
N SER A 18 3.85 -9.77 -2.30
CA SER A 18 2.97 -8.63 -2.37
C SER A 18 3.88 -7.41 -2.27
N TYR A 19 3.71 -6.51 -3.27
CA TYR A 19 4.58 -5.46 -3.73
C TYR A 19 3.73 -4.34 -4.31
N ALA A 20 4.27 -3.11 -4.37
CA ALA A 20 3.55 -1.94 -4.82
C ALA A 20 4.22 -1.02 -5.83
N GLU A 21 3.42 -0.37 -6.68
CA GLU A 21 3.83 0.69 -7.59
C GLU A 21 2.87 1.83 -7.90
N GLY A 22 3.35 3.06 -8.12
CA GLY A 22 2.58 4.19 -8.56
C GLY A 22 3.15 5.55 -8.15
N GLU A 23 2.52 6.67 -8.53
CA GLU A 23 2.92 8.01 -8.14
C GLU A 23 2.96 8.32 -6.66
N GLY A 24 2.06 7.71 -5.87
CA GLY A 24 2.08 7.73 -4.42
C GLY A 24 3.20 6.94 -3.76
N LEU A 25 4.20 6.47 -4.52
CA LEU A 25 5.56 6.17 -4.12
C LEU A 25 6.60 6.90 -4.95
N VAL A 26 6.25 8.10 -5.44
CA VAL A 26 7.13 8.99 -6.17
C VAL A 26 6.90 10.43 -5.70
N LYS A 27 5.73 11.07 -5.86
CA LYS A 27 5.53 12.47 -5.55
C LYS A 27 4.17 12.82 -5.00
N VAL A 28 4.17 13.59 -3.91
CA VAL A 28 3.00 13.95 -3.14
C VAL A 28 2.92 15.44 -2.86
N PHE A 29 1.70 16.00 -2.81
CA PHE A 29 1.51 17.40 -2.49
C PHE A 29 0.34 17.75 -1.59
N ASP A 30 0.05 18.99 -1.22
CA ASP A 30 -0.92 19.25 -0.16
C ASP A 30 -2.37 19.21 -0.64
N ASN A 31 -2.59 19.78 -1.83
CA ASN A 31 -3.86 19.84 -2.52
C ASN A 31 -3.95 18.87 -3.70
N ALA A 32 -2.90 18.07 -3.90
CA ALA A 32 -2.90 17.05 -4.92
C ALA A 32 -2.51 15.69 -4.35
N PRO A 33 -3.54 14.98 -3.89
CA PRO A 33 -3.28 13.68 -3.28
C PRO A 33 -2.73 12.71 -4.32
N ALA A 34 -1.86 11.77 -3.92
CA ALA A 34 -1.20 10.80 -4.75
C ALA A 34 -1.76 9.39 -4.51
N GLU A 35 -1.45 8.47 -5.43
CA GLU A 35 -1.99 7.13 -5.40
C GLU A 35 -0.95 6.08 -5.80
N PHE A 36 -0.93 4.85 -5.26
CA PHE A 36 -0.09 3.75 -5.71
C PHE A 36 -0.79 2.47 -5.34
N THR A 37 -0.33 1.34 -5.88
CA THR A 37 -1.09 0.12 -6.06
C THR A 37 -0.32 -1.05 -5.44
N ILE A 38 -0.91 -1.64 -4.41
CA ILE A 38 -0.58 -2.96 -3.89
C ILE A 38 -0.93 -4.07 -4.88
N PHE A 39 0.04 -4.54 -5.66
CA PHE A 39 -0.17 -5.78 -6.38
C PHE A 39 0.12 -7.00 -5.52
N ALA A 40 -0.91 -7.77 -5.19
CA ALA A 40 -0.88 -8.82 -4.17
C ALA A 40 -1.09 -10.17 -4.80
N VAL A 41 -0.14 -11.06 -4.50
CA VAL A 41 -0.15 -12.47 -4.83
C VAL A 41 0.09 -13.25 -3.55
N ASP A 42 -0.48 -14.45 -3.51
CA ASP A 42 -0.24 -15.47 -2.49
C ASP A 42 1.00 -16.33 -2.65
N THR A 43 1.36 -16.68 -3.89
CA THR A 43 2.38 -17.63 -4.27
C THR A 43 2.92 -17.53 -5.69
N LYS A 44 2.18 -17.85 -6.76
CA LYS A 44 2.70 -17.88 -8.11
C LYS A 44 1.86 -17.08 -9.09
N GLY A 45 2.20 -15.84 -9.47
CA GLY A 45 1.70 -15.21 -10.68
C GLY A 45 0.27 -14.69 -10.58
N VAL A 46 -0.71 -15.59 -10.63
CA VAL A 46 -2.11 -15.35 -10.38
C VAL A 46 -2.21 -14.52 -9.10
N ALA A 47 -2.96 -13.41 -9.16
CA ALA A 47 -3.20 -12.54 -8.03
C ALA A 47 -3.87 -13.17 -6.82
N ARG A 48 -3.96 -12.46 -5.69
CA ARG A 48 -4.85 -12.86 -4.61
C ARG A 48 -6.26 -12.77 -5.17
N THR A 49 -6.93 -13.92 -5.24
CA THR A 49 -8.09 -14.06 -6.11
C THR A 49 -9.40 -13.44 -5.62
N ASP A 50 -9.25 -12.76 -4.49
CA ASP A 50 -10.35 -12.18 -3.75
C ASP A 50 -9.79 -11.25 -2.68
N GLY A 51 -10.64 -10.38 -2.15
CA GLY A 51 -10.25 -9.08 -1.63
C GLY A 51 -10.19 -9.03 -0.11
N GLY A 52 -10.04 -7.81 0.41
CA GLY A 52 -10.16 -7.46 1.81
C GLY A 52 -9.17 -8.08 2.78
N ASP A 53 -7.98 -8.57 2.43
CA ASP A 53 -7.06 -9.02 3.47
C ASP A 53 -6.56 -7.82 4.26
N PRO A 54 -6.15 -7.97 5.51
CA PRO A 54 -5.78 -6.91 6.44
C PRO A 54 -4.33 -6.43 6.45
N PHE A 55 -4.23 -5.09 6.44
CA PHE A 55 -3.07 -4.35 5.97
C PHE A 55 -2.94 -3.05 6.75
N GLU A 56 -1.78 -2.38 6.63
CA GLU A 56 -1.43 -1.07 7.16
C GLU A 56 -0.21 -0.59 6.39
N VAL A 57 -0.23 0.72 6.13
CA VAL A 57 0.72 1.55 5.41
C VAL A 57 0.92 2.75 6.33
N ALA A 58 2.01 2.61 7.09
CA ALA A 58 2.28 3.51 8.20
C ALA A 58 3.56 4.30 7.94
N ILE A 59 3.49 5.57 8.32
CA ILE A 59 4.38 6.57 7.77
C ILE A 59 4.93 7.44 8.89
N ASN A 60 6.15 7.94 8.72
CA ASN A 60 6.74 9.02 9.49
C ASN A 60 7.21 10.03 8.45
N GLY A 61 7.24 11.31 8.81
CA GLY A 61 7.80 12.35 7.95
C GLY A 61 8.58 13.32 8.84
N PRO A 62 8.56 14.60 8.48
CA PRO A 62 9.41 15.55 9.18
C PRO A 62 8.87 15.88 10.56
N ASP A 63 9.72 15.87 11.59
CA ASP A 63 9.40 15.99 12.99
C ASP A 63 8.28 15.08 13.45
N GLY A 64 7.21 15.60 14.06
CA GLY A 64 6.14 14.86 14.72
C GLY A 64 5.07 14.30 13.80
N LEU A 65 5.25 14.44 12.49
CA LEU A 65 4.28 14.00 11.52
C LEU A 65 4.20 12.49 11.34
N VAL A 66 3.16 11.88 11.89
CA VAL A 66 2.87 10.47 11.74
C VAL A 66 1.55 10.35 11.00
N VAL A 67 1.53 9.47 10.00
CA VAL A 67 0.48 9.34 9.03
C VAL A 67 0.17 7.88 8.70
N ASP A 68 -1.08 7.66 8.33
CA ASP A 68 -1.50 6.39 7.74
C ASP A 68 -2.39 6.65 6.53
N ALA A 69 -1.88 6.09 5.44
CA ALA A 69 -2.40 6.13 4.08
C ALA A 69 -3.62 5.26 3.83
N LYS A 70 -4.44 5.71 2.88
CA LYS A 70 -5.82 5.29 2.74
C LYS A 70 -5.97 4.13 1.78
N VAL A 71 -6.06 2.92 2.36
CA VAL A 71 -6.00 1.67 1.61
C VAL A 71 -7.44 1.35 1.20
N THR A 72 -7.58 1.00 -0.08
CA THR A 72 -8.88 0.52 -0.53
C THR A 72 -8.69 -0.57 -1.57
N ASP A 73 -9.30 -1.73 -1.37
CA ASP A 73 -9.51 -2.82 -2.30
C ASP A 73 -10.06 -2.50 -3.69
N ASN A 74 -9.34 -2.82 -4.77
CA ASN A 74 -9.78 -2.59 -6.13
C ASN A 74 -10.68 -3.70 -6.66
N ASN A 75 -11.02 -4.75 -5.92
CA ASN A 75 -11.83 -5.86 -6.40
C ASN A 75 -11.27 -6.68 -7.55
N ASP A 76 -9.95 -6.68 -7.72
CA ASP A 76 -9.27 -7.37 -8.80
C ASP A 76 -8.04 -8.17 -8.39
N GLY A 77 -7.59 -8.10 -7.13
CA GLY A 77 -6.30 -8.58 -6.71
C GLY A 77 -5.33 -7.49 -6.29
N THR A 78 -5.69 -6.22 -6.30
CA THR A 78 -4.88 -5.10 -5.91
C THR A 78 -5.56 -4.14 -4.95
N TYR A 79 -4.84 -3.29 -4.22
CA TYR A 79 -5.29 -2.23 -3.35
C TYR A 79 -4.67 -0.90 -3.75
N GLY A 80 -5.53 0.10 -3.95
CA GLY A 80 -5.27 1.50 -4.18
C GLY A 80 -4.99 2.11 -2.81
N VAL A 81 -3.77 2.61 -2.65
CA VAL A 81 -3.43 3.49 -1.55
C VAL A 81 -3.31 4.98 -1.86
N VAL A 82 -4.00 5.90 -1.18
CA VAL A 82 -4.03 7.31 -1.52
C VAL A 82 -3.64 8.18 -0.33
N TYR A 83 -2.97 9.32 -0.47
CA TYR A 83 -2.57 10.22 0.60
C TYR A 83 -2.12 11.60 0.13
N ASP A 84 -1.88 12.53 1.04
CA ASP A 84 -1.50 13.89 0.75
C ASP A 84 -0.35 14.28 1.66
N ALA A 85 0.28 15.44 1.40
CA ALA A 85 1.38 15.97 2.17
C ALA A 85 1.26 17.44 2.52
N PRO A 86 1.02 17.81 3.80
CA PRO A 86 0.89 19.18 4.24
C PRO A 86 2.21 19.90 4.23
N VAL A 87 3.31 19.22 3.89
CA VAL A 87 4.64 19.69 4.18
C VAL A 87 5.60 19.47 3.02
N GLU A 88 6.55 20.38 2.78
CA GLU A 88 7.81 20.05 2.15
C GLU A 88 8.59 19.07 3.01
N GLY A 89 9.05 17.94 2.47
CA GLY A 89 9.67 16.86 3.22
C GLY A 89 9.85 15.55 2.48
N ASN A 90 10.16 14.55 3.32
CA ASN A 90 10.05 13.15 2.94
C ASN A 90 8.97 12.43 3.73
N TYR A 91 8.22 11.57 3.05
CA TYR A 91 7.63 10.42 3.73
C TYR A 91 8.43 9.15 3.54
N ASN A 92 8.26 8.34 4.59
CA ASN A 92 8.95 7.10 4.81
C ASN A 92 7.91 6.02 5.10
N VAL A 93 7.77 5.13 4.12
CA VAL A 93 6.64 4.24 4.01
C VAL A 93 7.06 2.87 4.50
N ASN A 94 6.25 2.32 5.41
CA ASN A 94 6.37 1.00 5.98
C ASN A 94 5.04 0.25 5.94
N VAL A 95 5.08 -0.99 5.43
CA VAL A 95 3.88 -1.77 5.28
C VAL A 95 3.80 -2.99 6.20
N THR A 96 2.61 -3.41 6.67
CA THR A 96 2.46 -4.61 7.46
C THR A 96 1.17 -5.34 7.13
N LEU A 97 1.09 -6.61 7.51
CA LEU A 97 0.35 -7.62 6.78
C LEU A 97 -0.27 -8.58 7.77
N ARG A 98 -1.58 -8.38 8.02
CA ARG A 98 -2.23 -8.96 9.17
C ARG A 98 -1.38 -8.69 10.40
N GLY A 99 -0.82 -7.49 10.52
CA GLY A 99 -0.03 -6.95 11.60
C GLY A 99 1.47 -7.20 11.63
N ASN A 100 2.02 -7.86 10.61
CA ASN A 100 3.42 -8.25 10.50
C ASN A 100 4.14 -7.57 9.34
N PRO A 101 5.44 -7.31 9.53
CA PRO A 101 6.28 -6.63 8.57
C PRO A 101 6.62 -7.53 7.39
N ILE A 102 7.08 -6.93 6.30
CA ILE A 102 7.19 -7.51 4.98
C ILE A 102 8.46 -7.10 4.25
N LYS A 103 8.78 -7.62 3.07
CA LYS A 103 10.05 -7.45 2.40
C LYS A 103 10.16 -6.14 1.63
N ASN A 104 11.39 -5.76 1.28
CA ASN A 104 11.76 -4.60 0.52
C ASN A 104 11.27 -3.26 1.05
N MET A 105 11.31 -3.09 2.37
CA MET A 105 10.73 -2.00 3.13
C MET A 105 11.84 -1.42 4.00
N PRO A 106 11.69 -0.26 4.66
CA PRO A 106 10.91 0.88 4.22
C PRO A 106 11.40 1.62 2.99
N ILE A 107 10.54 2.53 2.48
CA ILE A 107 10.71 3.15 1.19
C ILE A 107 10.35 4.63 1.30
N ASP A 108 11.16 5.45 0.61
CA ASP A 108 11.19 6.89 0.73
C ASP A 108 10.61 7.70 -0.43
N VAL A 109 9.88 8.79 -0.13
CA VAL A 109 8.96 9.45 -1.02
C VAL A 109 8.97 10.95 -0.73
N LYS A 110 9.42 11.77 -1.68
CA LYS A 110 9.46 13.22 -1.46
C LYS A 110 8.08 13.79 -1.69
N CYS A 111 7.90 14.78 -0.82
CA CYS A 111 6.76 15.65 -0.60
C CYS A 111 7.14 17.10 -0.89
N ILE A 112 6.14 17.68 -1.54
CA ILE A 112 6.10 19.10 -1.82
C ILE A 112 4.73 19.73 -1.54
N GLU A 113 4.55 20.76 -0.70
CA GLU A 113 3.26 21.17 -0.18
C GLU A 113 2.38 21.93 -1.16
N GLY A 114 2.30 21.58 -2.44
CA GLY A 114 1.34 22.09 -3.41
C GLY A 114 -0.13 21.79 -3.11
N MET A 1 -7.35 -14.99 -14.74
CA MET A 1 -7.46 -14.81 -13.29
C MET A 1 -8.73 -14.06 -12.96
N HIS A 2 -9.51 -14.39 -11.92
CA HIS A 2 -10.68 -13.59 -11.58
C HIS A 2 -10.67 -13.45 -10.06
N HIS A 3 -10.88 -12.21 -9.58
CA HIS A 3 -11.19 -12.00 -8.19
C HIS A 3 -12.68 -12.28 -7.93
N HIS A 4 -12.87 -13.36 -7.16
CA HIS A 4 -14.14 -13.86 -6.70
C HIS A 4 -14.09 -14.73 -5.45
N HIS A 5 -14.89 -14.51 -4.40
CA HIS A 5 -14.85 -15.38 -3.26
C HIS A 5 -15.48 -16.74 -3.46
N HIS A 6 -14.68 -17.79 -3.41
CA HIS A 6 -15.19 -19.15 -3.48
C HIS A 6 -15.75 -19.64 -2.16
N HIS A 7 -14.98 -19.43 -1.09
CA HIS A 7 -15.36 -19.80 0.26
C HIS A 7 -15.36 -18.64 1.27
N ALA A 8 -15.81 -18.82 2.51
CA ALA A 8 -15.41 -17.95 3.60
C ALA A 8 -13.96 -18.02 4.03
N SER A 9 -13.29 -19.18 3.99
CA SER A 9 -11.86 -19.31 3.98
C SER A 9 -11.15 -18.82 2.71
N LYS A 10 -9.92 -18.33 2.89
CA LYS A 10 -9.04 -17.81 1.89
C LYS A 10 -7.55 -17.74 2.26
N PRO A 11 -6.61 -17.78 1.31
CA PRO A 11 -5.20 -17.65 1.55
C PRO A 11 -4.85 -16.23 2.00
N ALA A 12 -3.61 -16.09 2.47
CA ALA A 12 -2.93 -14.93 3.04
C ALA A 12 -1.81 -14.37 2.17
N PRO A 13 -1.67 -13.06 2.00
CA PRO A 13 -0.47 -12.50 1.34
C PRO A 13 0.86 -12.66 2.04
N SER A 14 2.03 -12.39 1.45
CA SER A 14 3.31 -12.65 2.06
C SER A 14 4.30 -11.55 1.71
N ALA A 15 5.39 -11.37 2.43
CA ALA A 15 6.48 -10.44 2.15
C ALA A 15 7.16 -10.67 0.82
N GLU A 16 7.57 -11.87 0.40
CA GLU A 16 8.10 -12.24 -0.90
C GLU A 16 7.08 -11.75 -1.94
N HIS A 17 5.81 -11.67 -1.57
CA HIS A 17 4.65 -11.71 -2.45
C HIS A 17 3.77 -10.47 -2.46
N SER A 18 4.15 -9.38 -1.79
CA SER A 18 3.47 -8.12 -1.83
C SER A 18 4.33 -6.87 -1.98
N TYR A 19 4.09 -6.11 -3.03
CA TYR A 19 5.01 -5.13 -3.56
C TYR A 19 4.19 -4.05 -4.27
N ALA A 20 4.79 -2.86 -4.35
CA ALA A 20 4.13 -1.63 -4.73
C ALA A 20 4.80 -0.76 -5.78
N GLU A 21 4.02 -0.04 -6.60
CA GLU A 21 4.34 0.63 -7.86
C GLU A 21 3.27 1.66 -8.15
N GLY A 22 3.71 2.75 -8.76
CA GLY A 22 2.93 3.94 -9.03
C GLY A 22 3.52 5.29 -8.64
N GLU A 23 2.87 6.38 -8.96
CA GLU A 23 3.29 7.76 -8.75
C GLU A 23 3.19 8.21 -7.30
N GLY A 24 2.30 7.75 -6.42
CA GLY A 24 2.47 7.91 -4.99
C GLY A 24 3.70 7.20 -4.40
N LEU A 25 4.65 6.68 -5.16
CA LEU A 25 5.95 6.23 -4.69
C LEU A 25 7.04 7.11 -5.28
N VAL A 26 6.72 8.31 -5.76
CA VAL A 26 7.68 9.29 -6.26
C VAL A 26 7.29 10.68 -5.77
N LYS A 27 6.02 11.06 -5.77
CA LYS A 27 5.58 12.45 -5.67
C LYS A 27 4.17 12.61 -5.11
N VAL A 28 4.13 13.31 -3.98
CA VAL A 28 3.00 13.72 -3.15
C VAL A 28 2.91 15.20 -2.86
N PHE A 29 1.68 15.77 -2.91
CA PHE A 29 1.42 17.19 -2.76
C PHE A 29 0.36 17.55 -1.73
N ASP A 30 -0.07 18.81 -1.70
CA ASP A 30 -0.88 19.33 -0.60
C ASP A 30 -2.34 19.51 -0.94
N ASN A 31 -2.65 19.87 -2.19
CA ASN A 31 -3.91 19.79 -2.90
C ASN A 31 -4.16 18.67 -3.91
N ALA A 32 -3.23 17.71 -3.95
CA ALA A 32 -3.31 16.57 -4.83
C ALA A 32 -2.92 15.32 -4.07
N PRO A 33 -3.85 14.53 -3.51
CA PRO A 33 -3.52 13.24 -2.94
C PRO A 33 -2.97 12.28 -3.99
N ALA A 34 -1.82 11.71 -3.66
CA ALA A 34 -1.15 10.80 -4.58
C ALA A 34 -1.59 9.37 -4.28
N GLU A 35 -1.47 8.52 -5.31
CA GLU A 35 -2.02 7.18 -5.29
C GLU A 35 -0.96 6.22 -5.80
N PHE A 36 -1.04 4.99 -5.28
CA PHE A 36 -0.28 3.86 -5.81
C PHE A 36 -1.01 2.64 -5.26
N THR A 37 -0.53 1.51 -5.76
CA THR A 37 -1.12 0.19 -5.88
C THR A 37 -0.28 -0.94 -5.30
N ILE A 38 -0.88 -1.59 -4.29
CA ILE A 38 -0.41 -2.79 -3.61
C ILE A 38 -0.68 -3.94 -4.57
N PHE A 39 0.26 -4.42 -5.38
CA PHE A 39 0.06 -5.63 -6.15
C PHE A 39 0.33 -6.93 -5.37
N ALA A 40 -0.73 -7.59 -4.89
CA ALA A 40 -0.74 -8.67 -3.94
C ALA A 40 -0.89 -10.09 -4.48
N VAL A 41 -0.12 -11.04 -3.97
CA VAL A 41 -0.20 -12.47 -4.15
C VAL A 41 -0.06 -13.27 -2.85
N ASP A 42 -0.58 -14.50 -2.80
CA ASP A 42 -0.39 -15.36 -1.65
C ASP A 42 1.03 -15.94 -1.67
N THR A 43 1.24 -16.87 -2.61
CA THR A 43 2.36 -17.73 -2.94
C THR A 43 2.21 -18.11 -4.40
N LYS A 44 1.04 -18.38 -4.98
CA LYS A 44 0.93 -19.24 -6.15
C LYS A 44 1.08 -18.41 -7.42
N GLY A 45 1.82 -17.30 -7.39
CA GLY A 45 2.25 -16.49 -8.51
C GLY A 45 1.21 -15.58 -9.11
N VAL A 46 -0.02 -16.07 -9.24
CA VAL A 46 -1.21 -15.31 -9.56
C VAL A 46 -1.71 -14.39 -8.45
N ALA A 47 -2.25 -13.25 -8.87
CA ALA A 47 -2.81 -12.31 -7.91
C ALA A 47 -3.72 -12.96 -6.88
N ARG A 48 -3.94 -12.22 -5.79
CA ARG A 48 -4.88 -12.65 -4.76
C ARG A 48 -6.30 -12.70 -5.30
N THR A 49 -6.89 -13.89 -5.41
CA THR A 49 -8.07 -14.31 -6.14
C THR A 49 -9.34 -14.16 -5.33
N ASP A 50 -9.32 -13.60 -4.11
CA ASP A 50 -10.34 -13.03 -3.26
C ASP A 50 -9.71 -11.98 -2.38
N GLY A 51 -10.54 -11.24 -1.62
CA GLY A 51 -10.23 -9.88 -1.26
C GLY A 51 -10.59 -9.64 0.20
N GLY A 52 -10.43 -8.39 0.66
CA GLY A 52 -10.68 -7.92 2.00
C GLY A 52 -9.73 -8.56 3.00
N ASP A 53 -8.45 -8.69 2.63
CA ASP A 53 -7.41 -9.04 3.58
C ASP A 53 -7.12 -7.82 4.43
N PRO A 54 -6.57 -7.89 5.65
CA PRO A 54 -6.18 -6.72 6.41
C PRO A 54 -4.77 -6.25 6.12
N PHE A 55 -4.65 -4.93 5.95
CA PHE A 55 -3.41 -4.28 5.53
C PHE A 55 -3.29 -2.90 6.17
N GLU A 56 -2.05 -2.44 6.37
CA GLU A 56 -1.83 -1.12 6.95
C GLU A 56 -0.65 -0.45 6.25
N VAL A 57 -0.65 0.86 6.00
CA VAL A 57 0.37 1.68 5.37
C VAL A 57 0.58 2.86 6.31
N ALA A 58 1.40 2.59 7.34
CA ALA A 58 1.84 3.54 8.34
C ALA A 58 3.18 4.19 8.06
N ILE A 59 3.22 5.51 8.18
CA ILE A 59 4.26 6.38 7.65
C ILE A 59 4.83 7.20 8.81
N ASN A 60 6.05 7.69 8.67
CA ASN A 60 6.45 8.98 9.22
C ASN A 60 6.81 10.03 8.16
N GLY A 61 6.31 11.24 8.27
CA GLY A 61 6.86 12.40 7.61
C GLY A 61 8.06 12.95 8.40
N PRO A 62 8.34 14.25 8.30
CA PRO A 62 9.53 14.87 8.80
C PRO A 62 9.40 15.18 10.29
N ASP A 63 10.37 14.60 11.00
CA ASP A 63 10.33 14.24 12.41
C ASP A 63 8.94 13.90 12.90
N GLY A 64 8.16 14.83 13.45
CA GLY A 64 6.95 14.58 14.19
C GLY A 64 5.69 14.21 13.40
N LEU A 65 5.74 14.08 12.08
CA LEU A 65 4.55 13.86 11.27
C LEU A 65 4.25 12.37 11.21
N VAL A 66 3.46 12.01 12.22
CA VAL A 66 2.85 10.69 12.24
C VAL A 66 1.66 10.50 11.32
N VAL A 67 1.75 9.65 10.29
CA VAL A 67 0.74 9.47 9.26
C VAL A 67 0.35 8.02 8.98
N ASP A 68 -0.88 7.78 8.50
CA ASP A 68 -1.23 6.55 7.83
C ASP A 68 -1.92 6.90 6.52
N ALA A 69 -1.61 6.19 5.43
CA ALA A 69 -2.21 6.33 4.13
C ALA A 69 -3.41 5.42 3.94
N LYS A 70 -4.38 5.88 3.12
CA LYS A 70 -5.70 5.30 3.14
C LYS A 70 -5.77 4.19 2.09
N VAL A 71 -5.96 2.98 2.59
CA VAL A 71 -5.97 1.78 1.77
C VAL A 71 -7.40 1.40 1.43
N THR A 72 -7.63 0.98 0.18
CA THR A 72 -8.87 0.46 -0.36
C THR A 72 -8.65 -0.72 -1.29
N ASP A 73 -9.47 -1.78 -1.20
CA ASP A 73 -9.44 -2.95 -2.04
C ASP A 73 -9.97 -2.62 -3.42
N ASN A 74 -9.22 -2.97 -4.45
CA ASN A 74 -9.72 -2.78 -5.81
C ASN A 74 -10.47 -3.95 -6.39
N ASN A 75 -10.68 -5.11 -5.74
CA ASN A 75 -11.59 -6.16 -6.13
C ASN A 75 -11.11 -6.88 -7.39
N ASP A 76 -9.81 -6.86 -7.66
CA ASP A 76 -9.06 -7.46 -8.76
C ASP A 76 -7.73 -8.13 -8.53
N GLY A 77 -7.13 -8.05 -7.34
CA GLY A 77 -5.82 -8.59 -7.01
C GLY A 77 -4.93 -7.59 -6.31
N THR A 78 -5.34 -6.32 -6.34
CA THR A 78 -4.61 -5.13 -5.92
C THR A 78 -5.39 -4.26 -4.95
N TYR A 79 -4.66 -3.35 -4.30
CA TYR A 79 -5.28 -2.37 -3.43
C TYR A 79 -4.76 -0.99 -3.84
N GLY A 80 -5.64 0.00 -3.68
CA GLY A 80 -5.42 1.42 -3.84
C GLY A 80 -5.08 2.08 -2.51
N VAL A 81 -4.02 2.90 -2.56
CA VAL A 81 -3.56 3.64 -1.41
C VAL A 81 -3.39 5.13 -1.70
N VAL A 82 -3.79 5.98 -0.75
CA VAL A 82 -3.93 7.42 -0.98
C VAL A 82 -3.49 8.25 0.22
N TYR A 83 -2.66 9.25 -0.08
CA TYR A 83 -2.02 10.09 0.93
C TYR A 83 -1.52 11.40 0.33
N ASP A 84 -1.72 12.51 1.05
CA ASP A 84 -1.28 13.87 0.79
C ASP A 84 -0.20 14.34 1.75
N ALA A 85 0.51 15.39 1.34
CA ALA A 85 1.73 15.87 1.93
C ALA A 85 1.62 17.37 2.16
N PRO A 86 1.53 17.82 3.42
CA PRO A 86 1.41 19.22 3.73
C PRO A 86 2.67 20.04 3.47
N VAL A 87 3.82 19.47 3.12
CA VAL A 87 5.14 20.02 3.40
C VAL A 87 6.21 19.68 2.38
N GLU A 88 7.16 20.58 2.17
CA GLU A 88 8.39 20.32 1.44
C GLU A 88 9.19 19.26 2.18
N GLY A 89 9.21 18.00 1.75
CA GLY A 89 9.99 17.00 2.42
C GLY A 89 10.09 15.56 1.93
N ASN A 90 10.01 14.59 2.85
CA ASN A 90 10.07 13.15 2.69
C ASN A 90 8.94 12.48 3.45
N TYR A 91 8.31 11.49 2.83
CA TYR A 91 7.67 10.40 3.55
C TYR A 91 8.45 9.09 3.44
N ASN A 92 8.24 8.32 4.51
CA ASN A 92 8.81 7.01 4.76
C ASN A 92 7.74 5.93 4.91
N VAL A 93 7.75 4.97 3.99
CA VAL A 93 6.61 4.12 3.78
C VAL A 93 6.79 2.66 4.17
N ASN A 94 5.91 2.14 5.01
CA ASN A 94 6.04 0.87 5.69
C ASN A 94 4.71 0.12 5.65
N VAL A 95 4.62 -1.08 5.05
CA VAL A 95 3.36 -1.78 4.87
C VAL A 95 3.43 -3.12 5.61
N THR A 96 2.32 -3.55 6.19
CA THR A 96 2.16 -4.74 6.99
C THR A 96 0.88 -5.48 6.59
N LEU A 97 0.94 -6.79 6.82
CA LEU A 97 0.08 -7.80 6.23
C LEU A 97 -0.60 -8.68 7.27
N ARG A 98 -1.79 -8.37 7.76
CA ARG A 98 -2.29 -8.89 9.02
C ARG A 98 -1.33 -8.55 10.15
N GLY A 99 -0.69 -7.39 10.08
CA GLY A 99 0.29 -6.96 11.06
C GLY A 99 1.68 -7.60 11.01
N ASN A 100 1.87 -8.50 10.04
CA ASN A 100 3.20 -9.00 9.72
C ASN A 100 3.99 -8.01 8.87
N PRO A 101 5.26 -7.71 9.13
CA PRO A 101 6.04 -6.74 8.39
C PRO A 101 6.65 -7.52 7.24
N ILE A 102 7.39 -6.79 6.40
CA ILE A 102 7.90 -7.36 5.17
C ILE A 102 9.19 -6.68 4.70
N LYS A 103 9.80 -7.14 3.61
CA LYS A 103 11.12 -6.81 3.12
C LYS A 103 11.27 -5.58 2.22
N ASN A 104 12.47 -5.12 1.87
CA ASN A 104 12.81 -3.95 1.08
C ASN A 104 12.17 -2.67 1.57
N MET A 105 11.97 -2.51 2.89
CA MET A 105 11.04 -1.63 3.57
C MET A 105 11.62 -1.13 4.89
N PRO A 106 11.40 0.06 5.41
CA PRO A 106 10.84 1.23 4.77
C PRO A 106 11.51 1.68 3.48
N ILE A 107 10.74 2.44 2.70
CA ILE A 107 11.06 3.12 1.45
C ILE A 107 10.70 4.59 1.56
N ASP A 108 11.30 5.44 0.72
CA ASP A 108 11.13 6.87 0.73
C ASP A 108 10.48 7.49 -0.48
N VAL A 109 9.68 8.53 -0.21
CA VAL A 109 8.85 9.21 -1.19
C VAL A 109 8.90 10.72 -0.96
N LYS A 110 9.39 11.49 -1.93
CA LYS A 110 9.54 12.93 -1.92
C LYS A 110 8.21 13.68 -1.85
N CYS A 111 8.08 14.70 -1.00
CA CYS A 111 6.90 15.51 -0.75
C CYS A 111 7.13 16.97 -1.08
N ILE A 112 6.05 17.70 -1.35
CA ILE A 112 5.97 19.14 -1.26
C ILE A 112 4.57 19.69 -1.05
N GLU A 113 4.52 20.90 -0.49
CA GLU A 113 3.34 21.71 -0.29
C GLU A 113 2.59 22.17 -1.53
N GLY A 114 2.37 21.30 -2.53
CA GLY A 114 1.67 21.70 -3.73
C GLY A 114 0.15 21.85 -3.67
N MET A 1 -7.74 -14.28 -15.46
CA MET A 1 -7.52 -14.47 -14.02
C MET A 1 -8.72 -13.87 -13.27
N HIS A 2 -9.44 -14.60 -12.44
CA HIS A 2 -10.69 -14.13 -11.87
C HIS A 2 -10.61 -13.99 -10.35
N HIS A 3 -11.06 -12.83 -9.86
CA HIS A 3 -11.20 -12.50 -8.45
C HIS A 3 -12.66 -12.73 -8.11
N HIS A 4 -12.88 -13.64 -7.16
CA HIS A 4 -14.16 -13.97 -6.56
C HIS A 4 -13.94 -14.69 -5.22
N HIS A 5 -14.72 -14.27 -4.23
CA HIS A 5 -14.89 -15.00 -2.99
C HIS A 5 -15.71 -16.27 -3.16
N HIS A 6 -14.97 -17.38 -3.32
CA HIS A 6 -15.57 -18.70 -3.33
C HIS A 6 -15.76 -19.31 -1.96
N HIS A 7 -15.00 -18.87 -0.96
CA HIS A 7 -14.82 -19.62 0.27
C HIS A 7 -14.80 -18.67 1.45
N ALA A 8 -14.93 -19.22 2.65
CA ALA A 8 -14.60 -18.55 3.90
C ALA A 8 -13.10 -18.42 4.19
N SER A 9 -12.32 -19.50 4.19
CA SER A 9 -10.88 -19.56 4.29
C SER A 9 -10.17 -19.01 3.05
N LYS A 10 -9.13 -18.20 3.30
CA LYS A 10 -8.29 -17.56 2.30
C LYS A 10 -6.83 -17.86 2.61
N PRO A 11 -6.03 -17.92 1.54
CA PRO A 11 -4.61 -17.69 1.66
C PRO A 11 -4.13 -16.28 1.95
N ALA A 12 -2.92 -16.20 2.51
CA ALA A 12 -2.37 -14.90 2.86
C ALA A 12 -1.50 -14.28 1.78
N PRO A 13 -1.40 -12.96 1.57
CA PRO A 13 -0.27 -12.25 1.00
C PRO A 13 1.05 -12.45 1.76
N SER A 14 2.22 -12.32 1.15
CA SER A 14 3.50 -12.52 1.81
C SER A 14 4.56 -11.53 1.40
N ALA A 15 5.76 -11.56 1.98
CA ALA A 15 6.88 -10.64 1.87
C ALA A 15 7.55 -10.58 0.50
N GLU A 16 7.80 -11.81 0.03
CA GLU A 16 8.17 -12.19 -1.31
C GLU A 16 7.18 -11.70 -2.37
N HIS A 17 5.92 -11.54 -1.98
CA HIS A 17 4.76 -11.75 -2.82
C HIS A 17 3.74 -10.62 -2.73
N SER A 18 4.09 -9.53 -2.03
CA SER A 18 3.32 -8.31 -2.02
C SER A 18 4.27 -7.17 -2.40
N TYR A 19 4.11 -6.50 -3.55
CA TYR A 19 4.84 -5.34 -4.04
C TYR A 19 3.82 -4.30 -4.48
N ALA A 20 4.29 -3.05 -4.58
CA ALA A 20 3.52 -1.84 -4.76
C ALA A 20 4.11 -0.84 -5.76
N GLU A 21 3.31 -0.02 -6.43
CA GLU A 21 3.67 0.76 -7.61
C GLU A 21 2.84 2.02 -7.82
N GLY A 22 3.41 3.16 -8.17
CA GLY A 22 2.76 4.32 -8.77
C GLY A 22 3.18 5.56 -8.01
N GLU A 23 2.62 6.73 -8.32
CA GLU A 23 3.22 8.02 -8.01
C GLU A 23 3.26 8.33 -6.52
N GLY A 24 2.41 7.74 -5.68
CA GLY A 24 2.64 7.70 -4.25
C GLY A 24 3.95 7.09 -3.76
N LEU A 25 4.81 6.64 -4.67
CA LEU A 25 6.19 6.24 -4.48
C LEU A 25 7.20 7.00 -5.32
N VAL A 26 6.86 8.21 -5.77
CA VAL A 26 7.63 9.01 -6.69
C VAL A 26 7.52 10.47 -6.26
N LYS A 27 6.32 10.99 -5.95
CA LYS A 27 6.18 12.38 -5.58
C LYS A 27 4.77 12.71 -5.09
N VAL A 28 4.64 13.52 -4.06
CA VAL A 28 3.42 13.73 -3.28
C VAL A 28 3.25 15.15 -2.78
N PHE A 29 2.01 15.69 -2.76
CA PHE A 29 1.73 17.11 -2.58
C PHE A 29 0.70 17.41 -1.50
N ASP A 30 0.42 18.69 -1.25
CA ASP A 30 -0.52 19.14 -0.24
C ASP A 30 -1.93 19.42 -0.70
N ASN A 31 -2.07 19.99 -1.90
CA ASN A 31 -3.32 20.06 -2.63
C ASN A 31 -3.48 19.07 -3.78
N ALA A 32 -2.67 18.02 -3.75
CA ALA A 32 -2.74 16.88 -4.65
C ALA A 32 -2.48 15.64 -3.78
N PRO A 33 -3.47 14.94 -3.22
CA PRO A 33 -3.56 13.53 -2.93
C PRO A 33 -3.05 12.68 -4.07
N ALA A 34 -2.02 11.91 -3.70
CA ALA A 34 -1.25 10.99 -4.50
C ALA A 34 -1.75 9.56 -4.34
N GLU A 35 -1.60 8.74 -5.39
CA GLU A 35 -2.11 7.40 -5.53
C GLU A 35 -1.04 6.34 -5.76
N PHE A 36 -1.02 5.14 -5.18
CA PHE A 36 -0.20 4.02 -5.62
C PHE A 36 -0.89 2.74 -5.16
N THR A 37 -0.42 1.56 -5.57
CA THR A 37 -1.18 0.32 -5.63
C THR A 37 -0.37 -0.87 -5.13
N ILE A 38 -0.93 -1.65 -4.22
CA ILE A 38 -0.36 -2.90 -3.79
C ILE A 38 -0.88 -3.99 -4.70
N PHE A 39 0.05 -4.72 -5.32
CA PHE A 39 -0.11 -5.93 -6.10
C PHE A 39 0.23 -7.17 -5.30
N ALA A 40 -0.78 -8.03 -5.09
CA ALA A 40 -0.76 -9.03 -4.05
C ALA A 40 -0.80 -10.42 -4.67
N VAL A 41 0.14 -11.25 -4.21
CA VAL A 41 0.17 -12.70 -4.33
C VAL A 41 0.31 -13.42 -3.00
N ASP A 42 -0.21 -14.64 -2.91
CA ASP A 42 0.05 -15.47 -1.75
C ASP A 42 1.42 -16.14 -1.70
N THR A 43 1.58 -17.15 -2.56
CA THR A 43 2.69 -18.06 -2.85
C THR A 43 2.56 -18.69 -4.22
N LYS A 44 1.39 -18.91 -4.82
CA LYS A 44 1.24 -19.70 -6.02
C LYS A 44 1.24 -18.91 -7.33
N GLY A 45 1.65 -17.64 -7.31
CA GLY A 45 2.00 -16.84 -8.46
C GLY A 45 0.78 -16.29 -9.20
N VAL A 46 -0.39 -16.91 -9.31
CA VAL A 46 -1.61 -16.13 -9.53
C VAL A 46 -1.81 -15.07 -8.47
N ALA A 47 -2.14 -13.83 -8.84
CA ALA A 47 -2.56 -12.84 -7.89
C ALA A 47 -3.66 -13.25 -6.89
N ARG A 48 -3.88 -12.45 -5.84
CA ARG A 48 -4.92 -12.72 -4.89
C ARG A 48 -6.32 -12.89 -5.47
N THR A 49 -6.91 -14.06 -5.24
CA THR A 49 -8.03 -14.59 -5.99
C THR A 49 -9.35 -14.12 -5.40
N ASP A 50 -9.21 -13.41 -4.27
CA ASP A 50 -10.24 -13.00 -3.34
C ASP A 50 -9.68 -11.93 -2.42
N GLY A 51 -10.59 -11.17 -1.80
CA GLY A 51 -10.31 -9.86 -1.27
C GLY A 51 -10.22 -9.75 0.26
N GLY A 52 -10.33 -8.55 0.82
CA GLY A 52 -10.38 -8.22 2.23
C GLY A 52 -9.29 -8.89 3.06
N ASP A 53 -8.03 -8.90 2.58
CA ASP A 53 -6.90 -9.10 3.47
C ASP A 53 -6.60 -7.81 4.20
N PRO A 54 -6.23 -7.85 5.49
CA PRO A 54 -6.09 -6.68 6.32
C PRO A 54 -4.75 -5.94 6.44
N PHE A 55 -4.77 -4.62 6.31
CA PHE A 55 -3.64 -3.89 5.79
C PHE A 55 -3.35 -2.62 6.58
N GLU A 56 -2.05 -2.30 6.58
CA GLU A 56 -1.68 -0.99 7.07
C GLU A 56 -0.67 -0.43 6.06
N VAL A 57 -0.66 0.88 5.79
CA VAL A 57 0.37 1.67 5.14
C VAL A 57 0.62 2.79 6.15
N ALA A 58 1.68 2.59 6.93
CA ALA A 58 2.09 3.36 8.08
C ALA A 58 3.34 4.20 7.85
N ILE A 59 3.34 5.46 8.32
CA ILE A 59 4.20 6.48 7.77
C ILE A 59 4.82 7.41 8.80
N ASN A 60 6.04 7.89 8.51
CA ASN A 60 6.73 8.99 9.16
C ASN A 60 7.06 10.02 8.10
N GLY A 61 6.98 11.30 8.49
CA GLY A 61 7.57 12.45 7.82
C GLY A 61 8.46 13.20 8.81
N PRO A 62 8.87 14.45 8.56
CA PRO A 62 9.69 15.34 9.35
C PRO A 62 9.19 15.63 10.77
N ASP A 63 10.02 15.55 11.81
CA ASP A 63 9.81 15.78 13.22
C ASP A 63 8.73 14.85 13.76
N GLY A 64 7.56 15.33 14.16
CA GLY A 64 6.49 14.57 14.79
C GLY A 64 5.44 13.98 13.87
N LEU A 65 5.44 14.27 12.58
CA LEU A 65 4.46 13.84 11.59
C LEU A 65 4.48 12.34 11.29
N VAL A 66 3.48 11.72 11.94
CA VAL A 66 3.09 10.35 11.70
C VAL A 66 1.79 10.29 10.92
N VAL A 67 1.75 9.43 9.89
CA VAL A 67 0.65 9.30 8.96
C VAL A 67 0.19 7.88 8.69
N ASP A 68 -1.07 7.74 8.27
CA ASP A 68 -1.51 6.47 7.75
C ASP A 68 -2.21 6.69 6.42
N ALA A 69 -1.67 6.00 5.41
CA ALA A 69 -2.11 6.07 4.05
C ALA A 69 -3.25 5.10 3.80
N LYS A 70 -4.28 5.65 3.18
CA LYS A 70 -5.57 4.99 3.11
C LYS A 70 -5.75 4.12 1.88
N VAL A 71 -5.98 2.86 2.25
CA VAL A 71 -6.02 1.64 1.47
C VAL A 71 -7.46 1.21 1.16
N THR A 72 -7.63 0.63 -0.03
CA THR A 72 -8.87 -0.02 -0.38
C THR A 72 -8.65 -1.09 -1.45
N ASP A 73 -9.33 -2.21 -1.20
CA ASP A 73 -9.42 -3.45 -1.95
C ASP A 73 -10.03 -3.17 -3.31
N ASN A 74 -9.27 -3.45 -4.36
CA ASN A 74 -9.66 -3.24 -5.75
C ASN A 74 -10.55 -4.34 -6.33
N ASN A 75 -10.85 -5.46 -5.70
CA ASN A 75 -11.62 -6.60 -6.16
C ASN A 75 -11.03 -7.29 -7.39
N ASP A 76 -9.70 -7.24 -7.49
CA ASP A 76 -8.95 -7.94 -8.52
C ASP A 76 -7.65 -8.63 -8.13
N GLY A 77 -7.26 -8.55 -6.87
CA GLY A 77 -5.88 -8.86 -6.49
C GLY A 77 -4.94 -7.72 -6.17
N THR A 78 -5.38 -6.45 -6.19
CA THR A 78 -4.64 -5.25 -5.86
C THR A 78 -5.36 -4.42 -4.82
N TYR A 79 -4.70 -3.37 -4.30
CA TYR A 79 -5.31 -2.49 -3.32
C TYR A 79 -4.80 -1.07 -3.55
N GLY A 80 -5.68 -0.09 -3.86
CA GLY A 80 -5.49 1.32 -4.04
C GLY A 80 -5.22 2.02 -2.70
N VAL A 81 -4.25 2.93 -2.76
CA VAL A 81 -3.72 3.72 -1.66
C VAL A 81 -3.57 5.16 -2.15
N VAL A 82 -4.19 6.03 -1.35
CA VAL A 82 -4.21 7.47 -1.49
C VAL A 82 -3.67 8.22 -0.29
N TYR A 83 -2.80 9.20 -0.50
CA TYR A 83 -2.35 10.06 0.59
C TYR A 83 -1.78 11.42 0.24
N ASP A 84 -1.58 12.30 1.22
CA ASP A 84 -1.17 13.68 1.01
C ASP A 84 -0.05 14.14 1.93
N ALA A 85 0.75 15.11 1.46
CA ALA A 85 1.94 15.56 2.14
C ALA A 85 1.81 17.04 2.47
N PRO A 86 1.83 17.42 3.75
CA PRO A 86 1.70 18.74 4.31
C PRO A 86 3.05 19.43 4.27
N VAL A 87 4.09 18.82 3.68
CA VAL A 87 5.47 19.25 3.80
C VAL A 87 6.33 19.36 2.56
N GLU A 88 7.16 20.41 2.45
CA GLU A 88 8.53 20.28 1.96
C GLU A 88 9.20 19.22 2.82
N GLY A 89 9.68 18.11 2.25
CA GLY A 89 10.48 17.12 2.95
C GLY A 89 10.51 15.75 2.31
N ASN A 90 10.36 14.68 3.11
CA ASN A 90 10.30 13.29 2.72
C ASN A 90 9.29 12.47 3.52
N TYR A 91 8.53 11.56 2.89
CA TYR A 91 7.70 10.55 3.52
C TYR A 91 8.37 9.18 3.54
N ASN A 92 8.07 8.37 4.56
CA ASN A 92 8.83 7.19 4.92
C ASN A 92 7.75 6.15 5.23
N VAL A 93 7.80 5.15 4.35
CA VAL A 93 6.68 4.30 3.98
C VAL A 93 6.95 2.87 4.45
N ASN A 94 6.01 2.32 5.19
CA ASN A 94 6.11 1.04 5.87
C ASN A 94 4.78 0.35 5.69
N VAL A 95 4.76 -0.82 5.04
CA VAL A 95 3.53 -1.55 4.79
C VAL A 95 3.52 -2.92 5.47
N THR A 96 2.36 -3.33 5.98
CA THR A 96 2.23 -4.49 6.84
C THR A 96 0.92 -5.26 6.79
N LEU A 97 0.87 -6.57 7.07
CA LEU A 97 0.11 -7.57 6.35
C LEU A 97 -0.53 -8.37 7.47
N ARG A 98 -1.70 -7.93 7.92
CA ARG A 98 -2.28 -8.24 9.22
C ARG A 98 -1.33 -7.76 10.31
N GLY A 99 -0.48 -6.77 10.03
CA GLY A 99 0.55 -6.25 10.90
C GLY A 99 1.85 -7.04 10.94
N ASN A 100 2.00 -8.05 10.09
CA ASN A 100 3.28 -8.64 9.77
C ASN A 100 4.08 -7.76 8.83
N PRO A 101 5.29 -7.29 9.17
CA PRO A 101 6.06 -6.46 8.24
C PRO A 101 6.80 -7.35 7.25
N ILE A 102 7.43 -6.65 6.30
CA ILE A 102 7.91 -7.28 5.08
C ILE A 102 9.29 -6.79 4.63
N LYS A 103 9.88 -7.36 3.59
CA LYS A 103 11.10 -6.95 2.93
C LYS A 103 10.92 -5.69 2.09
N ASN A 104 12.04 -5.09 1.66
CA ASN A 104 12.03 -3.88 0.87
C ASN A 104 11.13 -2.88 1.58
N MET A 105 11.02 -2.85 2.91
CA MET A 105 10.26 -1.90 3.70
C MET A 105 11.06 -1.63 4.97
N PRO A 106 11.23 -0.38 5.43
CA PRO A 106 10.54 0.82 5.02
C PRO A 106 11.22 1.42 3.80
N ILE A 107 10.62 2.44 3.18
CA ILE A 107 11.10 3.13 2.00
C ILE A 107 10.83 4.62 1.95
N ASP A 108 11.43 5.48 1.13
CA ASP A 108 11.38 6.92 1.25
C ASP A 108 10.92 7.63 -0.01
N VAL A 109 10.04 8.63 0.11
CA VAL A 109 9.35 9.37 -0.94
C VAL A 109 9.46 10.88 -0.82
N LYS A 110 9.61 11.57 -1.94
CA LYS A 110 9.69 13.01 -1.97
C LYS A 110 8.31 13.65 -1.76
N CYS A 111 8.34 14.76 -1.03
CA CYS A 111 7.18 15.57 -0.72
C CYS A 111 7.35 17.07 -0.94
N ILE A 112 6.34 17.78 -1.46
CA ILE A 112 6.32 19.22 -1.55
C ILE A 112 4.91 19.79 -1.45
N GLU A 113 4.60 20.85 -0.70
CA GLU A 113 3.26 21.23 -0.32
C GLU A 113 2.51 22.12 -1.30
N GLY A 114 2.72 21.79 -2.59
CA GLY A 114 1.90 22.20 -3.70
C GLY A 114 0.41 21.95 -3.49
N MET A 1 -9.09 -11.42 -14.78
CA MET A 1 -8.99 -12.43 -13.70
C MET A 1 -10.29 -12.50 -12.92
N HIS A 2 -10.68 -13.70 -12.45
CA HIS A 2 -11.95 -13.87 -11.78
C HIS A 2 -11.80 -13.75 -10.27
N HIS A 3 -12.13 -12.57 -9.73
CA HIS A 3 -12.05 -12.32 -8.31
C HIS A 3 -13.43 -12.45 -7.68
N HIS A 4 -13.79 -13.50 -6.94
CA HIS A 4 -15.10 -13.79 -6.39
C HIS A 4 -14.96 -14.67 -5.16
N HIS A 5 -15.78 -14.42 -4.14
CA HIS A 5 -15.68 -15.16 -2.89
C HIS A 5 -16.32 -16.53 -2.97
N HIS A 6 -15.54 -17.60 -3.04
CA HIS A 6 -16.04 -18.96 -3.19
C HIS A 6 -15.97 -19.74 -1.89
N HIS A 7 -14.84 -19.71 -1.17
CA HIS A 7 -14.45 -20.66 -0.14
C HIS A 7 -14.83 -20.23 1.26
N ALA A 8 -14.92 -21.14 2.22
CA ALA A 8 -15.11 -20.84 3.63
C ALA A 8 -14.04 -19.94 4.23
N SER A 9 -12.74 -20.10 4.00
CA SER A 9 -11.68 -19.21 4.43
C SER A 9 -10.67 -18.77 3.39
N LYS A 10 -10.01 -17.63 3.54
CA LYS A 10 -9.11 -17.02 2.59
C LYS A 10 -7.66 -17.38 2.89
N PRO A 11 -6.76 -17.53 1.92
CA PRO A 11 -5.34 -17.46 2.19
C PRO A 11 -4.76 -16.08 2.47
N ALA A 12 -3.52 -16.09 2.99
CA ALA A 12 -2.83 -14.85 3.33
C ALA A 12 -1.84 -14.27 2.34
N PRO A 13 -1.74 -12.96 2.17
CA PRO A 13 -0.66 -12.30 1.46
C PRO A 13 0.62 -12.39 2.26
N SER A 14 1.72 -12.56 1.53
CA SER A 14 3.02 -12.98 2.04
C SER A 14 4.11 -11.97 1.70
N ALA A 15 5.28 -12.13 2.30
CA ALA A 15 6.36 -11.16 2.15
C ALA A 15 6.99 -11.07 0.77
N GLU A 16 7.20 -12.24 0.13
CA GLU A 16 7.67 -12.41 -1.23
C GLU A 16 6.64 -11.96 -2.28
N HIS A 17 5.39 -11.81 -1.84
CA HIS A 17 4.22 -11.92 -2.70
C HIS A 17 3.32 -10.70 -2.56
N SER A 18 3.81 -9.61 -1.93
CA SER A 18 3.15 -8.33 -1.92
C SER A 18 4.14 -7.19 -2.18
N TYR A 19 3.85 -6.42 -3.23
CA TYR A 19 4.64 -5.36 -3.83
C TYR A 19 3.77 -4.32 -4.51
N ALA A 20 4.22 -3.07 -4.67
CA ALA A 20 3.37 -1.94 -4.99
C ALA A 20 4.08 -1.09 -6.01
N GLU A 21 3.36 -0.20 -6.73
CA GLU A 21 3.80 0.57 -7.86
C GLU A 21 3.09 1.93 -7.83
N GLY A 22 3.78 3.05 -7.98
CA GLY A 22 3.22 4.20 -8.68
C GLY A 22 3.51 5.57 -8.09
N GLU A 23 2.64 6.53 -8.43
CA GLU A 23 2.86 7.90 -8.00
C GLU A 23 3.01 8.20 -6.53
N GLY A 24 2.22 7.59 -5.65
CA GLY A 24 2.35 7.57 -4.20
C GLY A 24 3.57 6.78 -3.71
N LEU A 25 4.41 6.26 -4.60
CA LEU A 25 5.80 5.94 -4.35
C LEU A 25 6.84 6.83 -4.98
N VAL A 26 6.49 7.88 -5.74
CA VAL A 26 7.44 8.70 -6.47
C VAL A 26 7.42 10.16 -6.05
N LYS A 27 6.23 10.77 -5.91
CA LYS A 27 6.04 12.13 -5.44
C LYS A 27 4.65 12.45 -4.91
N VAL A 28 4.56 13.14 -3.75
CA VAL A 28 3.28 13.35 -3.11
C VAL A 28 3.25 14.80 -2.67
N PHE A 29 2.09 15.45 -2.84
CA PHE A 29 1.80 16.88 -2.71
C PHE A 29 0.75 17.26 -1.68
N ASP A 30 0.46 18.53 -1.45
CA ASP A 30 -0.54 19.00 -0.52
C ASP A 30 -1.96 18.95 -1.08
N ASN A 31 -2.29 19.53 -2.23
CA ASN A 31 -3.57 19.52 -2.93
C ASN A 31 -3.62 18.59 -4.14
N ALA A 32 -2.60 17.80 -4.43
CA ALA A 32 -2.70 16.63 -5.27
C ALA A 32 -2.51 15.43 -4.34
N PRO A 33 -3.48 14.89 -3.63
CA PRO A 33 -3.33 13.57 -3.02
C PRO A 33 -3.07 12.52 -4.09
N ALA A 34 -1.91 11.88 -3.91
CA ALA A 34 -1.36 10.90 -4.83
C ALA A 34 -1.84 9.52 -4.40
N GLU A 35 -1.83 8.69 -5.45
CA GLU A 35 -2.16 7.29 -5.29
C GLU A 35 -1.02 6.38 -5.71
N PHE A 36 -1.12 5.11 -5.33
CA PHE A 36 -0.41 3.95 -5.82
C PHE A 36 -1.12 2.66 -5.43
N THR A 37 -0.66 1.52 -5.92
CA THR A 37 -1.34 0.24 -5.98
C THR A 37 -0.55 -0.95 -5.45
N ILE A 38 -1.14 -1.70 -4.51
CA ILE A 38 -0.58 -2.89 -3.90
C ILE A 38 -1.06 -4.09 -4.69
N PHE A 39 -0.17 -4.67 -5.50
CA PHE A 39 -0.34 -5.97 -6.13
C PHE A 39 -0.20 -7.11 -5.15
N ALA A 40 -1.09 -8.09 -5.11
CA ALA A 40 -1.09 -9.09 -4.04
C ALA A 40 -1.17 -10.52 -4.56
N VAL A 41 -0.34 -11.41 -4.01
CA VAL A 41 -0.42 -12.85 -4.24
C VAL A 41 -0.35 -13.43 -2.84
N ASP A 42 -0.96 -14.59 -2.62
CA ASP A 42 -0.80 -15.38 -1.42
C ASP A 42 0.59 -16.00 -1.32
N THR A 43 0.85 -17.01 -2.18
CA THR A 43 1.99 -17.87 -2.43
C THR A 43 1.96 -18.57 -3.77
N LYS A 44 0.89 -18.57 -4.57
CA LYS A 44 0.67 -19.49 -5.67
C LYS A 44 0.48 -18.76 -6.98
N GLY A 45 1.19 -17.62 -7.12
CA GLY A 45 1.45 -17.02 -8.41
C GLY A 45 0.39 -16.12 -9.04
N VAL A 46 -0.78 -16.72 -9.22
CA VAL A 46 -2.00 -15.96 -9.48
C VAL A 46 -2.28 -14.99 -8.34
N ALA A 47 -2.58 -13.73 -8.67
CA ALA A 47 -3.06 -12.76 -7.70
C ALA A 47 -4.13 -13.24 -6.73
N ARG A 48 -4.32 -12.52 -5.62
CA ARG A 48 -5.40 -12.81 -4.68
C ARG A 48 -6.74 -12.80 -5.38
N THR A 49 -7.42 -13.94 -5.56
CA THR A 49 -8.68 -14.33 -6.17
C THR A 49 -9.94 -14.01 -5.41
N ASP A 50 -9.75 -13.30 -4.30
CA ASP A 50 -10.80 -12.68 -3.52
C ASP A 50 -10.17 -11.78 -2.50
N GLY A 51 -10.96 -10.93 -1.84
CA GLY A 51 -10.54 -9.61 -1.40
C GLY A 51 -10.72 -9.42 0.09
N GLY A 52 -10.71 -8.17 0.58
CA GLY A 52 -10.85 -7.83 1.97
C GLY A 52 -9.78 -8.16 3.00
N ASP A 53 -8.54 -8.38 2.58
CA ASP A 53 -7.41 -8.58 3.48
C ASP A 53 -6.98 -7.28 4.15
N PRO A 54 -6.40 -7.38 5.34
CA PRO A 54 -6.06 -6.18 6.10
C PRO A 54 -4.58 -5.82 5.99
N PHE A 55 -4.41 -4.54 5.69
CA PHE A 55 -3.15 -3.91 5.37
C PHE A 55 -3.02 -2.58 6.08
N GLU A 56 -1.76 -2.18 6.27
CA GLU A 56 -1.33 -0.91 6.84
C GLU A 56 -0.14 -0.34 6.11
N VAL A 57 -0.15 0.99 5.94
CA VAL A 57 0.80 1.80 5.21
C VAL A 57 1.11 2.97 6.13
N ALA A 58 1.93 2.80 7.16
CA ALA A 58 2.19 3.72 8.24
C ALA A 58 3.49 4.45 7.92
N ILE A 59 3.42 5.74 8.27
CA ILE A 59 4.28 6.79 7.75
C ILE A 59 4.79 7.77 8.79
N ASN A 60 6.06 8.15 8.66
CA ASN A 60 6.79 9.13 9.44
C ASN A 60 7.33 10.16 8.46
N GLY A 61 6.90 11.42 8.57
CA GLY A 61 7.50 12.62 8.04
C GLY A 61 8.66 13.18 8.84
N PRO A 62 9.01 14.47 8.70
CA PRO A 62 9.84 15.25 9.59
C PRO A 62 9.17 15.38 10.95
N ASP A 63 9.85 14.82 11.96
CA ASP A 63 9.47 14.85 13.35
C ASP A 63 8.04 14.42 13.68
N GLY A 64 7.11 15.35 13.91
CA GLY A 64 5.79 15.02 14.38
C GLY A 64 4.86 14.38 13.34
N LEU A 65 5.28 14.32 12.06
CA LEU A 65 4.38 13.96 11.01
C LEU A 65 4.08 12.46 10.90
N VAL A 66 3.26 11.98 11.84
CA VAL A 66 2.72 10.64 11.95
C VAL A 66 1.41 10.45 11.20
N VAL A 67 1.54 9.66 10.13
CA VAL A 67 0.55 9.55 9.07
C VAL A 67 0.33 8.08 8.74
N ASP A 68 -0.80 7.77 8.12
CA ASP A 68 -0.99 6.56 7.35
C ASP A 68 -1.64 6.90 6.01
N ALA A 69 -1.21 6.18 4.96
CA ALA A 69 -1.96 6.09 3.73
C ALA A 69 -2.99 4.95 3.71
N LYS A 70 -4.09 5.20 3.00
CA LYS A 70 -5.38 4.55 3.13
C LYS A 70 -5.50 3.50 2.06
N VAL A 71 -5.55 2.23 2.49
CA VAL A 71 -5.64 1.12 1.58
C VAL A 71 -7.09 0.74 1.32
N THR A 72 -7.47 0.62 0.04
CA THR A 72 -8.84 0.29 -0.24
C THR A 72 -8.71 -0.74 -1.34
N ASP A 73 -9.55 -1.78 -1.29
CA ASP A 73 -9.58 -2.99 -2.09
C ASP A 73 -10.07 -2.60 -3.49
N ASN A 74 -9.32 -2.90 -4.55
CA ASN A 74 -9.76 -2.78 -5.93
C ASN A 74 -10.57 -3.97 -6.44
N ASN A 75 -10.83 -5.02 -5.68
CA ASN A 75 -11.65 -6.14 -6.12
C ASN A 75 -11.17 -6.88 -7.36
N ASP A 76 -9.83 -6.91 -7.45
CA ASP A 76 -9.17 -7.43 -8.65
C ASP A 76 -7.88 -8.17 -8.32
N GLY A 77 -7.49 -8.42 -7.07
CA GLY A 77 -6.15 -8.87 -6.74
C GLY A 77 -5.14 -7.76 -6.45
N THR A 78 -5.59 -6.51 -6.38
CA THR A 78 -4.87 -5.30 -6.04
C THR A 78 -5.66 -4.32 -5.19
N TYR A 79 -4.94 -3.45 -4.49
CA TYR A 79 -5.48 -2.58 -3.46
C TYR A 79 -4.96 -1.17 -3.73
N GLY A 80 -5.80 -0.15 -3.82
CA GLY A 80 -5.43 1.23 -4.08
C GLY A 80 -5.17 1.92 -2.75
N VAL A 81 -4.22 2.86 -2.90
CA VAL A 81 -3.64 3.62 -1.81
C VAL A 81 -3.58 5.12 -2.07
N VAL A 82 -3.97 5.99 -1.14
CA VAL A 82 -4.15 7.42 -1.37
C VAL A 82 -3.58 8.21 -0.22
N TYR A 83 -2.76 9.26 -0.38
CA TYR A 83 -2.29 10.04 0.75
C TYR A 83 -1.75 11.39 0.30
N ASP A 84 -1.81 12.44 1.15
CA ASP A 84 -1.52 13.84 0.94
C ASP A 84 -0.36 14.28 1.81
N ALA A 85 0.36 15.31 1.34
CA ALA A 85 1.61 15.79 1.88
C ALA A 85 1.78 17.28 2.15
N PRO A 86 1.73 17.76 3.38
CA PRO A 86 1.75 19.17 3.71
C PRO A 86 3.15 19.68 4.00
N VAL A 87 4.18 19.03 3.46
CA VAL A 87 5.57 19.40 3.67
C VAL A 87 6.49 19.30 2.46
N GLU A 88 7.30 20.35 2.29
CA GLU A 88 8.65 20.21 1.79
C GLU A 88 9.43 19.25 2.68
N GLY A 89 9.68 18.02 2.23
CA GLY A 89 10.46 17.00 2.92
C GLY A 89 10.19 15.63 2.36
N ASN A 90 10.10 14.60 3.21
CA ASN A 90 10.03 13.21 2.80
C ASN A 90 9.08 12.54 3.76
N TYR A 91 8.26 11.69 3.13
CA TYR A 91 7.64 10.59 3.84
C TYR A 91 8.47 9.32 3.80
N ASN A 92 8.34 8.63 4.93
CA ASN A 92 8.88 7.31 5.16
C ASN A 92 7.79 6.26 5.31
N VAL A 93 7.80 5.32 4.36
CA VAL A 93 6.71 4.39 4.19
C VAL A 93 7.09 2.96 4.54
N ASN A 94 6.22 2.34 5.34
CA ASN A 94 6.28 0.96 5.79
C ASN A 94 4.93 0.27 5.62
N VAL A 95 4.96 -0.92 5.02
CA VAL A 95 3.73 -1.62 4.69
C VAL A 95 3.61 -2.96 5.39
N THR A 96 2.47 -3.23 6.05
CA THR A 96 2.37 -4.42 6.87
C THR A 96 1.05 -5.13 6.77
N LEU A 97 1.09 -6.45 7.03
CA LEU A 97 0.30 -7.43 6.29
C LEU A 97 -0.45 -8.20 7.38
N ARG A 98 -1.75 -7.96 7.52
CA ARG A 98 -2.36 -8.19 8.82
C ARG A 98 -1.47 -7.55 9.88
N GLY A 99 -0.97 -6.35 9.63
CA GLY A 99 -0.08 -5.62 10.50
C GLY A 99 1.22 -6.34 10.88
N ASN A 100 1.60 -7.41 10.17
CA ASN A 100 2.94 -7.92 10.38
C ASN A 100 3.98 -7.43 9.38
N PRO A 101 5.28 -7.44 9.71
CA PRO A 101 6.29 -6.88 8.84
C PRO A 101 6.65 -7.83 7.71
N ILE A 102 7.38 -7.27 6.74
CA ILE A 102 7.86 -7.88 5.52
C ILE A 102 9.22 -7.36 5.05
N LYS A 103 9.71 -7.84 3.91
CA LYS A 103 11.00 -7.53 3.35
C LYS A 103 10.93 -6.24 2.53
N ASN A 104 12.07 -5.68 2.12
CA ASN A 104 12.10 -4.51 1.27
C ASN A 104 11.30 -3.31 1.80
N MET A 105 11.18 -3.17 3.12
CA MET A 105 10.48 -2.08 3.78
C MET A 105 11.18 -1.66 5.06
N PRO A 106 11.15 -0.41 5.56
CA PRO A 106 10.51 0.77 5.03
C PRO A 106 11.17 1.29 3.74
N ILE A 107 10.61 2.33 3.13
CA ILE A 107 11.25 3.04 2.04
C ILE A 107 10.85 4.48 2.22
N ASP A 108 11.22 5.41 1.32
CA ASP A 108 11.03 6.84 1.43
C ASP A 108 10.50 7.47 0.15
N VAL A 109 9.72 8.53 0.32
CA VAL A 109 9.00 9.12 -0.78
C VAL A 109 9.02 10.62 -0.52
N LYS A 110 9.45 11.32 -1.57
CA LYS A 110 9.63 12.75 -1.61
C LYS A 110 8.30 13.50 -1.58
N CYS A 111 8.24 14.50 -0.71
CA CYS A 111 7.07 15.33 -0.48
C CYS A 111 7.37 16.76 -0.93
N ILE A 112 6.54 17.38 -1.78
CA ILE A 112 6.52 18.82 -1.78
C ILE A 112 5.07 19.28 -1.83
N GLU A 113 4.74 20.23 -0.94
CA GLU A 113 3.42 20.66 -0.48
C GLU A 113 2.64 21.47 -1.51
N GLY A 114 2.45 20.89 -2.69
CA GLY A 114 1.69 21.38 -3.82
C GLY A 114 0.18 21.22 -3.72
N MET A 1 -8.12 -15.02 -14.83
CA MET A 1 -8.06 -14.08 -13.72
C MET A 1 -9.33 -13.25 -13.54
N HIS A 2 -9.94 -13.44 -12.37
CA HIS A 2 -11.08 -12.67 -11.92
C HIS A 2 -11.31 -12.81 -10.42
N HIS A 3 -11.68 -11.73 -9.72
CA HIS A 3 -11.77 -11.54 -8.29
C HIS A 3 -13.16 -11.86 -7.76
N HIS A 4 -13.44 -13.01 -7.16
CA HIS A 4 -14.72 -13.39 -6.60
C HIS A 4 -14.59 -14.30 -5.38
N HIS A 5 -15.59 -14.17 -4.50
CA HIS A 5 -15.65 -14.98 -3.31
C HIS A 5 -16.42 -16.28 -3.49
N HIS A 6 -15.80 -17.42 -3.18
CA HIS A 6 -16.31 -18.77 -3.31
C HIS A 6 -16.36 -19.51 -1.98
N HIS A 7 -15.49 -19.13 -1.02
CA HIS A 7 -15.18 -19.97 0.11
C HIS A 7 -15.00 -19.18 1.39
N ALA A 8 -15.11 -19.84 2.54
CA ALA A 8 -14.93 -19.18 3.83
C ALA A 8 -13.51 -18.86 4.27
N SER A 9 -12.52 -19.59 3.74
CA SER A 9 -11.11 -19.34 3.88
C SER A 9 -10.37 -18.85 2.63
N LYS A 10 -9.34 -18.01 2.80
CA LYS A 10 -8.41 -17.52 1.80
C LYS A 10 -6.95 -17.77 2.18
N PRO A 11 -6.10 -17.90 1.16
CA PRO A 11 -4.68 -17.82 1.45
C PRO A 11 -4.26 -16.39 1.79
N ALA A 12 -3.23 -16.30 2.61
CA ALA A 12 -2.55 -15.09 3.05
C ALA A 12 -1.54 -14.57 2.05
N PRO A 13 -1.45 -13.28 1.70
CA PRO A 13 -0.44 -12.67 0.87
C PRO A 13 0.94 -12.75 1.55
N SER A 14 2.03 -12.64 0.80
CA SER A 14 3.37 -13.01 1.21
C SER A 14 4.39 -11.97 0.82
N ALA A 15 5.55 -11.87 1.49
CA ALA A 15 6.55 -10.84 1.33
C ALA A 15 7.43 -10.91 0.09
N GLU A 16 7.80 -12.08 -0.44
CA GLU A 16 8.15 -12.34 -1.81
C GLU A 16 7.09 -12.01 -2.87
N HIS A 17 5.85 -11.80 -2.42
CA HIS A 17 4.67 -11.90 -3.25
C HIS A 17 3.67 -10.76 -3.08
N SER A 18 4.08 -9.62 -2.52
CA SER A 18 3.30 -8.40 -2.44
C SER A 18 4.23 -7.25 -2.75
N TYR A 19 3.94 -6.47 -3.80
CA TYR A 19 4.79 -5.45 -4.38
C TYR A 19 3.96 -4.37 -5.09
N ALA A 20 4.40 -3.11 -5.18
CA ALA A 20 3.50 -2.01 -5.48
C ALA A 20 4.01 -0.91 -6.40
N GLU A 21 3.09 -0.16 -7.00
CA GLU A 21 3.29 0.64 -8.21
C GLU A 21 2.32 1.82 -8.27
N GLY A 22 2.68 3.02 -8.73
CA GLY A 22 1.96 4.27 -8.78
C GLY A 22 2.71 5.50 -8.27
N GLU A 23 2.30 6.71 -8.69
CA GLU A 23 3.03 7.92 -8.39
C GLU A 23 3.15 8.36 -6.94
N GLY A 24 2.33 7.92 -5.98
CA GLY A 24 2.53 7.95 -4.55
C GLY A 24 3.67 7.11 -3.98
N LEU A 25 4.52 6.54 -4.84
CA LEU A 25 5.86 6.07 -4.51
C LEU A 25 6.90 6.99 -5.13
N VAL A 26 6.56 8.17 -5.68
CA VAL A 26 7.54 8.98 -6.36
C VAL A 26 7.40 10.47 -6.08
N LYS A 27 6.19 10.98 -5.81
CA LYS A 27 6.01 12.34 -5.36
C LYS A 27 4.59 12.44 -4.78
N VAL A 28 4.56 13.16 -3.66
CA VAL A 28 3.37 13.32 -2.85
C VAL A 28 3.18 14.80 -2.51
N PHE A 29 2.00 15.40 -2.57
CA PHE A 29 1.85 16.84 -2.59
C PHE A 29 0.86 17.33 -1.53
N ASP A 30 0.47 18.61 -1.49
CA ASP A 30 -0.49 19.13 -0.54
C ASP A 30 -1.95 19.06 -0.96
N ASN A 31 -2.30 19.60 -2.13
CA ASN A 31 -3.60 19.53 -2.75
C ASN A 31 -3.77 18.45 -3.81
N ALA A 32 -2.78 17.56 -3.97
CA ALA A 32 -2.82 16.41 -4.86
C ALA A 32 -2.48 15.14 -4.11
N PRO A 33 -3.47 14.58 -3.41
CA PRO A 33 -3.28 13.32 -2.73
C PRO A 33 -2.94 12.20 -3.70
N ALA A 34 -1.79 11.59 -3.40
CA ALA A 34 -1.06 10.73 -4.30
C ALA A 34 -1.24 9.26 -3.95
N GLU A 35 -1.17 8.37 -4.93
CA GLU A 35 -1.65 7.00 -4.92
C GLU A 35 -0.63 5.98 -5.37
N PHE A 36 -0.81 4.74 -4.87
CA PHE A 36 -0.04 3.61 -5.33
C PHE A 36 -0.67 2.29 -4.91
N THR A 37 -0.28 1.25 -5.64
CA THR A 37 -1.08 0.05 -5.82
C THR A 37 -0.26 -1.19 -5.53
N ILE A 38 -0.67 -1.88 -4.47
CA ILE A 38 -0.16 -3.12 -3.91
C ILE A 38 -0.73 -4.29 -4.69
N PHE A 39 0.04 -4.85 -5.64
CA PHE A 39 -0.27 -6.08 -6.35
C PHE A 39 0.01 -7.33 -5.52
N ALA A 40 -1.05 -7.97 -5.02
CA ALA A 40 -1.05 -9.14 -4.16
C ALA A 40 -1.07 -10.50 -4.86
N VAL A 41 -0.22 -11.42 -4.41
CA VAL A 41 -0.30 -12.85 -4.60
C VAL A 41 -0.05 -13.49 -3.24
N ASP A 42 -0.75 -14.60 -2.93
CA ASP A 42 -0.35 -15.51 -1.88
C ASP A 42 1.03 -16.14 -2.09
N THR A 43 1.04 -17.19 -2.91
CA THR A 43 2.12 -18.12 -3.16
C THR A 43 1.91 -18.87 -4.46
N LYS A 44 0.72 -19.32 -4.83
CA LYS A 44 0.62 -20.24 -5.93
C LYS A 44 0.44 -19.55 -7.29
N GLY A 45 1.35 -18.61 -7.55
CA GLY A 45 1.46 -17.88 -8.81
C GLY A 45 0.36 -16.87 -9.09
N VAL A 46 -0.86 -17.37 -9.27
CA VAL A 46 -2.01 -16.51 -9.51
C VAL A 46 -2.20 -15.48 -8.40
N ALA A 47 -2.37 -14.20 -8.71
CA ALA A 47 -2.88 -13.10 -7.93
C ALA A 47 -4.02 -13.43 -6.98
N ARG A 48 -4.26 -12.50 -6.04
CA ARG A 48 -5.39 -12.64 -5.15
C ARG A 48 -6.74 -12.55 -5.83
N THR A 49 -7.36 -13.73 -6.06
CA THR A 49 -8.64 -14.08 -6.65
C THR A 49 -9.84 -13.92 -5.72
N ASP A 50 -9.62 -13.42 -4.48
CA ASP A 50 -10.55 -12.79 -3.56
C ASP A 50 -9.88 -11.86 -2.56
N GLY A 51 -10.56 -11.28 -1.59
CA GLY A 51 -10.24 -9.92 -1.22
C GLY A 51 -10.56 -9.51 0.21
N GLY A 52 -10.34 -8.24 0.54
CA GLY A 52 -10.41 -7.75 1.90
C GLY A 52 -9.30 -8.27 2.79
N ASP A 53 -8.20 -8.88 2.31
CA ASP A 53 -7.09 -9.32 3.13
C ASP A 53 -6.53 -8.08 3.80
N PRO A 54 -6.41 -7.98 5.13
CA PRO A 54 -6.22 -6.67 5.70
C PRO A 54 -4.80 -6.14 5.74
N PHE A 55 -4.74 -4.81 5.74
CA PHE A 55 -3.56 -4.09 5.30
C PHE A 55 -3.35 -2.85 6.15
N GLU A 56 -2.09 -2.40 6.19
CA GLU A 56 -1.75 -1.06 6.62
C GLU A 56 -0.58 -0.54 5.79
N VAL A 57 -0.51 0.79 5.67
CA VAL A 57 0.55 1.62 5.14
C VAL A 57 0.68 2.73 6.17
N ALA A 58 1.75 2.77 6.97
CA ALA A 58 2.03 3.76 7.99
C ALA A 58 3.31 4.56 7.70
N ILE A 59 3.21 5.88 7.85
CA ILE A 59 4.18 6.86 7.39
C ILE A 59 4.69 7.77 8.49
N ASN A 60 5.97 8.13 8.37
CA ASN A 60 6.68 9.07 9.22
C ASN A 60 7.16 10.26 8.39
N GLY A 61 7.11 11.51 8.87
CA GLY A 61 7.47 12.69 8.11
C GLY A 61 8.10 13.77 8.99
N PRO A 62 8.27 14.97 8.44
CA PRO A 62 8.88 16.05 9.20
C PRO A 62 8.12 16.44 10.46
N ASP A 63 8.90 16.51 11.54
CA ASP A 63 8.50 16.90 12.89
C ASP A 63 7.30 16.12 13.41
N GLY A 64 6.13 16.73 13.54
CA GLY A 64 4.92 16.16 14.08
C GLY A 64 4.22 15.15 13.17
N LEU A 65 4.67 15.08 11.93
CA LEU A 65 4.02 14.34 10.86
C LEU A 65 4.17 12.84 11.08
N VAL A 66 3.15 12.15 11.60
CA VAL A 66 3.04 10.70 11.56
C VAL A 66 1.61 10.43 11.10
N VAL A 67 1.54 9.61 10.06
CA VAL A 67 0.34 9.43 9.24
C VAL A 67 0.18 7.92 9.04
N ASP A 68 -1.06 7.46 8.88
CA ASP A 68 -1.33 6.30 8.07
C ASP A 68 -2.22 6.61 6.86
N ALA A 69 -1.83 6.03 5.72
CA ALA A 69 -2.45 6.26 4.44
C ALA A 69 -3.70 5.41 4.25
N LYS A 70 -4.60 5.80 3.34
CA LYS A 70 -5.87 5.11 3.22
C LYS A 70 -5.83 3.95 2.23
N VAL A 71 -5.75 2.71 2.72
CA VAL A 71 -5.87 1.56 1.84
C VAL A 71 -7.29 1.42 1.33
N THR A 72 -7.49 1.16 0.04
CA THR A 72 -8.73 0.65 -0.52
C THR A 72 -8.51 -0.64 -1.30
N ASP A 73 -9.42 -1.61 -1.11
CA ASP A 73 -9.48 -2.79 -1.95
C ASP A 73 -10.12 -2.51 -3.30
N ASN A 74 -9.31 -2.78 -4.32
CA ASN A 74 -9.69 -2.55 -5.70
C ASN A 74 -10.66 -3.57 -6.28
N ASN A 75 -11.01 -4.69 -5.65
CA ASN A 75 -11.91 -5.75 -6.06
C ASN A 75 -11.48 -6.45 -7.34
N ASP A 76 -10.18 -6.44 -7.64
CA ASP A 76 -9.50 -6.93 -8.82
C ASP A 76 -8.26 -7.74 -8.49
N GLY A 77 -7.76 -7.87 -7.26
CA GLY A 77 -6.54 -8.45 -6.73
C GLY A 77 -5.48 -7.44 -6.34
N THR A 78 -5.74 -6.14 -6.20
CA THR A 78 -4.83 -5.09 -5.80
C THR A 78 -5.57 -4.12 -4.87
N TYR A 79 -4.74 -3.31 -4.20
CA TYR A 79 -5.05 -2.47 -3.06
C TYR A 79 -4.38 -1.14 -3.36
N GLY A 80 -5.17 -0.06 -3.33
CA GLY A 80 -4.85 1.34 -3.57
C GLY A 80 -4.61 1.98 -2.21
N VAL A 81 -3.46 2.67 -2.15
CA VAL A 81 -3.11 3.50 -1.02
C VAL A 81 -3.17 4.99 -1.34
N VAL A 82 -3.84 5.88 -0.61
CA VAL A 82 -3.75 7.31 -0.84
C VAL A 82 -3.40 8.16 0.36
N TYR A 83 -2.59 9.22 0.20
CA TYR A 83 -2.03 10.06 1.24
C TYR A 83 -1.47 11.38 0.71
N ASP A 84 -1.29 12.40 1.54
CA ASP A 84 -0.98 13.78 1.20
C ASP A 84 0.07 14.43 2.10
N ALA A 85 0.88 15.35 1.59
CA ALA A 85 2.03 15.98 2.19
C ALA A 85 1.94 17.49 2.19
N PRO A 86 1.81 18.08 3.39
CA PRO A 86 1.76 19.51 3.45
C PRO A 86 3.12 20.18 3.26
N VAL A 87 4.16 19.47 2.81
CA VAL A 87 5.54 19.77 3.13
C VAL A 87 6.54 19.61 1.98
N GLU A 88 7.54 20.48 1.84
CA GLU A 88 8.88 20.18 1.38
C GLU A 88 9.57 19.26 2.36
N GLY A 89 9.85 18.02 1.91
CA GLY A 89 10.32 16.93 2.74
C GLY A 89 10.22 15.53 2.17
N ASN A 90 10.16 14.54 3.07
CA ASN A 90 10.30 13.12 2.84
C ASN A 90 9.21 12.42 3.63
N TYR A 91 8.36 11.65 2.95
CA TYR A 91 7.57 10.59 3.57
C TYR A 91 8.31 9.27 3.62
N ASN A 92 8.12 8.51 4.71
CA ASN A 92 8.85 7.27 4.89
C ASN A 92 7.85 6.17 5.17
N VAL A 93 7.93 5.15 4.32
CA VAL A 93 6.87 4.17 4.22
C VAL A 93 7.15 2.78 4.75
N ASN A 94 6.25 2.14 5.51
CA ASN A 94 6.25 0.84 6.12
C ASN A 94 4.88 0.20 5.91
N VAL A 95 4.87 -1.03 5.38
CA VAL A 95 3.64 -1.72 5.00
C VAL A 95 3.52 -2.97 5.85
N THR A 96 2.27 -3.41 6.06
CA THR A 96 2.02 -4.55 6.89
C THR A 96 0.75 -5.30 6.50
N LEU A 97 0.67 -6.61 6.75
CA LEU A 97 -0.14 -7.56 6.02
C LEU A 97 -0.75 -8.44 7.10
N ARG A 98 -1.97 -8.03 7.47
CA ARG A 98 -2.56 -8.48 8.71
C ARG A 98 -1.59 -8.32 9.86
N GLY A 99 -0.95 -7.15 9.84
CA GLY A 99 0.19 -6.73 10.64
C GLY A 99 1.54 -7.33 10.23
N ASN A 100 1.64 -8.37 9.39
CA ASN A 100 2.99 -8.82 9.10
C ASN A 100 3.87 -7.99 8.18
N PRO A 101 5.09 -7.58 8.51
CA PRO A 101 5.99 -6.75 7.73
C PRO A 101 6.54 -7.62 6.62
N ILE A 102 7.26 -6.93 5.73
CA ILE A 102 7.60 -7.45 4.43
C ILE A 102 9.00 -6.96 4.08
N LYS A 103 9.49 -7.40 2.91
CA LYS A 103 10.83 -7.30 2.39
C LYS A 103 11.08 -5.92 1.78
N ASN A 104 12.32 -5.46 1.60
CA ASN A 104 12.61 -4.19 0.95
C ASN A 104 11.93 -2.94 1.49
N MET A 105 11.90 -2.80 2.82
CA MET A 105 11.07 -1.94 3.63
C MET A 105 11.95 -1.36 4.74
N PRO A 106 11.86 -0.10 5.14
CA PRO A 106 10.94 0.91 4.66
C PRO A 106 11.43 1.46 3.33
N ILE A 107 10.53 2.16 2.64
CA ILE A 107 10.80 2.93 1.44
C ILE A 107 10.60 4.43 1.62
N ASP A 108 11.16 5.33 0.80
CA ASP A 108 11.21 6.76 1.06
C ASP A 108 10.57 7.56 -0.05
N VAL A 109 9.73 8.57 0.23
CA VAL A 109 9.03 9.32 -0.79
C VAL A 109 9.18 10.82 -0.60
N LYS A 110 9.74 11.41 -1.66
CA LYS A 110 9.84 12.84 -1.86
C LYS A 110 8.51 13.57 -1.79
N CYS A 111 8.43 14.65 -1.00
CA CYS A 111 7.25 15.47 -0.91
C CYS A 111 7.57 16.92 -1.29
N ILE A 112 6.55 17.63 -1.78
CA ILE A 112 6.48 19.06 -1.94
C ILE A 112 5.06 19.62 -1.82
N GLU A 113 4.88 20.74 -1.14
CA GLU A 113 3.68 21.37 -0.64
C GLU A 113 2.75 21.93 -1.70
N GLY A 114 2.56 21.15 -2.77
CA GLY A 114 1.80 21.48 -3.96
C GLY A 114 0.29 21.37 -3.73
N MET A 1 -11.83 -12.18 -15.51
CA MET A 1 -11.52 -11.65 -14.17
C MET A 1 -11.67 -12.72 -13.09
N HIS A 2 -10.56 -13.12 -12.47
CA HIS A 2 -10.50 -14.15 -11.46
C HIS A 2 -10.95 -13.63 -10.10
N HIS A 3 -10.97 -12.31 -9.81
CA HIS A 3 -11.27 -11.81 -8.49
C HIS A 3 -12.76 -11.85 -8.30
N HIS A 4 -13.27 -12.79 -7.49
CA HIS A 4 -14.67 -13.14 -7.40
C HIS A 4 -14.89 -13.88 -6.09
N HIS A 5 -15.59 -13.22 -5.16
CA HIS A 5 -16.03 -13.82 -3.91
C HIS A 5 -16.96 -15.01 -4.09
N HIS A 6 -16.69 -16.17 -3.49
CA HIS A 6 -17.49 -17.36 -3.72
C HIS A 6 -17.65 -18.07 -2.38
N HIS A 7 -16.90 -17.67 -1.36
CA HIS A 7 -16.79 -18.51 -0.19
C HIS A 7 -16.62 -17.70 1.08
N ALA A 8 -16.75 -18.36 2.23
CA ALA A 8 -16.31 -17.87 3.53
C ALA A 8 -14.80 -17.80 3.66
N SER A 9 -14.05 -18.83 3.24
CA SER A 9 -12.66 -18.91 3.61
C SER A 9 -11.75 -18.52 2.45
N LYS A 10 -10.63 -17.85 2.73
CA LYS A 10 -9.68 -17.35 1.74
C LYS A 10 -8.24 -17.78 2.01
N PRO A 11 -7.34 -17.73 1.03
CA PRO A 11 -5.90 -17.84 1.18
C PRO A 11 -5.11 -16.61 1.56
N ALA A 12 -4.02 -16.76 2.31
CA ALA A 12 -3.20 -15.65 2.79
C ALA A 12 -2.23 -15.01 1.81
N PRO A 13 -2.19 -13.70 1.62
CA PRO A 13 -1.17 -12.97 0.87
C PRO A 13 0.19 -13.13 1.53
N SER A 14 1.28 -13.09 0.76
CA SER A 14 2.61 -13.44 1.24
C SER A 14 3.72 -12.44 0.96
N ALA A 15 4.76 -12.41 1.80
CA ALA A 15 5.88 -11.51 1.63
C ALA A 15 6.62 -11.72 0.33
N GLU A 16 6.83 -12.93 -0.24
CA GLU A 16 7.22 -13.22 -1.60
C GLU A 16 6.28 -12.59 -2.63
N HIS A 17 5.00 -12.45 -2.27
CA HIS A 17 3.89 -12.40 -3.18
C HIS A 17 3.02 -11.17 -3.00
N SER A 18 3.52 -10.09 -2.37
CA SER A 18 2.88 -8.81 -2.13
C SER A 18 3.87 -7.64 -2.13
N TYR A 19 3.57 -6.69 -3.02
CA TYR A 19 4.48 -5.65 -3.45
C TYR A 19 3.70 -4.50 -4.07
N ALA A 20 4.19 -3.27 -4.01
CA ALA A 20 3.41 -2.10 -4.33
C ALA A 20 4.20 -1.20 -5.27
N GLU A 21 3.48 -0.41 -6.08
CA GLU A 21 3.99 0.35 -7.20
C GLU A 21 3.04 1.48 -7.55
N GLY A 22 3.63 2.58 -8.04
CA GLY A 22 3.02 3.79 -8.57
C GLY A 22 3.41 5.10 -7.91
N GLU A 23 2.88 6.24 -8.35
CA GLU A 23 3.30 7.58 -8.02
C GLU A 23 3.23 8.07 -6.57
N GLY A 24 2.33 7.58 -5.71
CA GLY A 24 2.43 7.68 -4.26
C GLY A 24 3.63 7.04 -3.56
N LEU A 25 4.52 6.42 -4.35
CA LEU A 25 5.84 5.98 -3.90
C LEU A 25 6.95 6.75 -4.59
N VAL A 26 6.62 7.87 -5.24
CA VAL A 26 7.61 8.71 -5.89
C VAL A 26 7.51 10.18 -5.51
N LYS A 27 6.36 10.84 -5.68
CA LYS A 27 6.24 12.26 -5.39
C LYS A 27 4.82 12.62 -4.94
N VAL A 28 4.74 13.31 -3.80
CA VAL A 28 3.52 13.43 -3.02
C VAL A 28 3.28 14.84 -2.48
N PHE A 29 2.07 15.37 -2.65
CA PHE A 29 1.82 16.80 -2.48
C PHE A 29 0.69 17.10 -1.49
N ASP A 30 0.25 18.35 -1.45
CA ASP A 30 -0.61 18.79 -0.37
C ASP A 30 -2.07 18.82 -0.79
N ASN A 31 -2.42 19.54 -1.86
CA ASN A 31 -3.76 19.56 -2.42
C ASN A 31 -3.88 18.66 -3.65
N ALA A 32 -2.86 17.85 -3.96
CA ALA A 32 -2.96 16.78 -4.93
C ALA A 32 -2.62 15.47 -4.23
N PRO A 33 -3.56 14.69 -3.69
CA PRO A 33 -3.36 13.41 -3.03
C PRO A 33 -2.78 12.34 -3.94
N ALA A 34 -1.70 11.69 -3.53
CA ALA A 34 -0.99 10.59 -4.19
C ALA A 34 -1.40 9.17 -3.83
N GLU A 35 -1.17 8.33 -4.83
CA GLU A 35 -1.83 7.03 -4.90
C GLU A 35 -0.88 5.99 -5.46
N PHE A 36 -1.04 4.74 -5.03
CA PHE A 36 -0.22 3.61 -5.41
C PHE A 36 -0.94 2.37 -4.89
N THR A 37 -0.46 1.26 -5.45
CA THR A 37 -1.16 0.01 -5.61
C THR A 37 -0.36 -1.22 -5.20
N ILE A 38 -0.91 -1.98 -4.26
CA ILE A 38 -0.40 -3.22 -3.71
C ILE A 38 -0.89 -4.31 -4.63
N PHE A 39 -0.06 -4.83 -5.55
CA PHE A 39 -0.26 -6.10 -6.23
C PHE A 39 0.02 -7.30 -5.34
N ALA A 40 -1.08 -8.02 -5.03
CA ALA A 40 -1.11 -9.21 -4.21
C ALA A 40 -1.22 -10.52 -4.97
N VAL A 41 -0.45 -11.55 -4.62
CA VAL A 41 -0.57 -12.97 -4.93
C VAL A 41 -0.56 -13.77 -3.62
N ASP A 42 -1.23 -14.92 -3.51
CA ASP A 42 -1.12 -15.74 -2.33
C ASP A 42 0.21 -16.48 -2.28
N THR A 43 0.39 -17.34 -3.29
CA THR A 43 1.41 -18.32 -3.59
C THR A 43 1.19 -18.92 -4.97
N LYS A 44 -0.03 -18.98 -5.54
CA LYS A 44 -0.34 -19.76 -6.70
C LYS A 44 -0.21 -18.96 -7.99
N GLY A 45 0.65 -17.92 -8.05
CA GLY A 45 0.87 -17.12 -9.23
C GLY A 45 -0.20 -16.26 -9.87
N VAL A 46 -1.48 -16.67 -9.85
CA VAL A 46 -2.56 -15.79 -10.21
C VAL A 46 -2.89 -14.81 -9.06
N ALA A 47 -3.15 -13.55 -9.40
CA ALA A 47 -3.43 -12.48 -8.47
C ALA A 47 -4.53 -12.83 -7.47
N ARG A 48 -4.76 -12.08 -6.38
CA ARG A 48 -5.68 -12.48 -5.33
C ARG A 48 -7.11 -12.61 -5.83
N THR A 49 -7.73 -13.78 -5.67
CA THR A 49 -8.91 -14.22 -6.38
C THR A 49 -10.18 -14.08 -5.57
N ASP A 50 -10.10 -13.34 -4.46
CA ASP A 50 -11.12 -12.67 -3.67
C ASP A 50 -10.48 -11.58 -2.82
N GLY A 51 -11.28 -10.79 -2.08
CA GLY A 51 -10.92 -9.48 -1.59
C GLY A 51 -11.10 -9.19 -0.11
N GLY A 52 -10.81 -7.97 0.38
CA GLY A 52 -11.09 -7.56 1.74
C GLY A 52 -10.04 -8.10 2.70
N ASP A 53 -8.82 -8.51 2.31
CA ASP A 53 -7.71 -8.85 3.17
C ASP A 53 -7.12 -7.64 3.89
N PRO A 54 -6.62 -7.75 5.13
CA PRO A 54 -6.09 -6.62 5.84
C PRO A 54 -4.71 -6.12 5.43
N PHE A 55 -4.64 -4.87 4.98
CA PHE A 55 -3.42 -4.11 4.76
C PHE A 55 -3.39 -2.71 5.35
N GLU A 56 -2.18 -2.17 5.38
CA GLU A 56 -1.84 -0.93 6.05
C GLU A 56 -0.52 -0.38 5.51
N VAL A 57 -0.43 0.94 5.47
CA VAL A 57 0.70 1.75 5.07
C VAL A 57 0.91 2.79 6.16
N ALA A 58 2.13 2.78 6.70
CA ALA A 58 2.50 3.53 7.88
C ALA A 58 3.66 4.46 7.53
N ILE A 59 3.50 5.73 7.94
CA ILE A 59 4.26 6.86 7.44
C ILE A 59 4.71 7.64 8.66
N ASN A 60 6.02 7.96 8.63
CA ASN A 60 6.56 9.13 9.28
C ASN A 60 7.06 10.10 8.21
N GLY A 61 6.65 11.37 8.29
CA GLY A 61 7.39 12.52 7.81
C GLY A 61 8.19 13.17 8.93
N PRO A 62 8.65 14.40 8.70
CA PRO A 62 9.36 15.19 9.69
C PRO A 62 8.62 15.60 10.95
N ASP A 63 9.15 15.26 12.12
CA ASP A 63 8.68 15.40 13.48
C ASP A 63 7.18 15.16 13.68
N GLY A 64 6.36 16.21 13.83
CA GLY A 64 4.96 16.13 14.17
C GLY A 64 4.15 15.22 13.29
N LEU A 65 4.62 14.97 12.04
CA LEU A 65 4.06 14.16 10.99
C LEU A 65 4.18 12.65 11.09
N VAL A 66 3.51 12.13 12.12
CA VAL A 66 2.98 10.78 12.05
C VAL A 66 1.80 10.80 11.09
N VAL A 67 1.75 9.94 10.07
CA VAL A 67 0.76 9.93 9.02
C VAL A 67 0.30 8.49 8.78
N ASP A 68 -0.99 8.31 8.48
CA ASP A 68 -1.61 7.04 8.14
C ASP A 68 -2.40 7.17 6.84
N ALA A 69 -2.16 6.32 5.86
CA ALA A 69 -2.89 6.26 4.59
C ALA A 69 -4.14 5.42 4.62
N LYS A 70 -5.01 5.63 3.63
CA LYS A 70 -6.28 4.94 3.54
C LYS A 70 -6.08 3.87 2.46
N VAL A 71 -6.33 2.62 2.85
CA VAL A 71 -6.11 1.47 2.00
C VAL A 71 -7.43 1.00 1.42
N THR A 72 -7.54 0.64 0.13
CA THR A 72 -8.80 0.21 -0.45
C THR A 72 -8.55 -1.04 -1.30
N ASP A 73 -9.44 -2.04 -1.19
CA ASP A 73 -9.52 -3.11 -2.15
C ASP A 73 -9.90 -2.62 -3.54
N ASN A 74 -9.10 -2.89 -4.58
CA ASN A 74 -9.43 -2.57 -5.95
C ASN A 74 -10.29 -3.60 -6.67
N ASN A 75 -10.54 -4.80 -6.13
CA ASN A 75 -11.47 -5.73 -6.72
C ASN A 75 -10.95 -6.41 -7.99
N ASP A 76 -9.65 -6.72 -8.03
CA ASP A 76 -8.94 -7.13 -9.22
C ASP A 76 -7.71 -7.99 -8.96
N GLY A 77 -7.20 -8.16 -7.75
CA GLY A 77 -5.83 -8.56 -7.44
C GLY A 77 -5.16 -7.68 -6.39
N THR A 78 -5.63 -6.43 -6.30
CA THR A 78 -4.82 -5.37 -5.75
C THR A 78 -5.47 -4.38 -4.78
N TYR A 79 -4.70 -3.51 -4.14
CA TYR A 79 -5.13 -2.63 -3.08
C TYR A 79 -4.54 -1.24 -3.31
N GLY A 80 -5.43 -0.28 -3.59
CA GLY A 80 -5.05 1.12 -3.76
C GLY A 80 -5.00 1.88 -2.45
N VAL A 81 -4.06 2.83 -2.39
CA VAL A 81 -3.61 3.55 -1.22
C VAL A 81 -3.47 5.03 -1.56
N VAL A 82 -4.04 5.92 -0.76
CA VAL A 82 -4.22 7.33 -1.06
C VAL A 82 -3.81 8.19 0.13
N TYR A 83 -2.86 9.11 -0.01
CA TYR A 83 -2.32 9.95 1.03
C TYR A 83 -1.77 11.26 0.49
N ASP A 84 -1.31 12.20 1.32
CA ASP A 84 -0.85 13.54 1.04
C ASP A 84 0.16 13.97 2.10
N ALA A 85 0.90 15.00 1.75
CA ALA A 85 2.05 15.67 2.33
C ALA A 85 1.92 17.19 2.35
N PRO A 86 1.77 17.78 3.55
CA PRO A 86 1.65 19.21 3.74
C PRO A 86 2.96 19.96 3.60
N VAL A 87 4.08 19.37 3.17
CA VAL A 87 5.47 19.77 3.32
C VAL A 87 6.32 19.69 2.07
N GLU A 88 7.16 20.71 1.88
CA GLU A 88 8.50 20.51 1.39
C GLU A 88 9.17 19.60 2.42
N GLY A 89 9.44 18.33 2.07
CA GLY A 89 9.94 17.34 3.00
C GLY A 89 10.12 15.93 2.45
N ASN A 90 10.11 14.91 3.32
CA ASN A 90 10.27 13.51 3.02
C ASN A 90 9.21 12.73 3.78
N TYR A 91 8.58 11.72 3.19
CA TYR A 91 7.83 10.67 3.85
C TYR A 91 8.61 9.37 3.84
N ASN A 92 8.50 8.57 4.90
CA ASN A 92 9.26 7.35 5.02
C ASN A 92 8.22 6.27 5.29
N VAL A 93 8.14 5.33 4.34
CA VAL A 93 6.94 4.60 3.99
C VAL A 93 7.18 3.10 4.10
N ASN A 94 6.20 2.41 4.69
CA ASN A 94 6.27 1.00 5.05
C ASN A 94 4.93 0.41 4.64
N VAL A 95 4.87 -0.73 3.98
CA VAL A 95 3.65 -1.46 3.67
C VAL A 95 3.54 -2.80 4.36
N THR A 96 2.36 -3.14 4.87
CA THR A 96 2.19 -4.21 5.84
C THR A 96 0.91 -5.00 5.65
N LEU A 97 0.75 -6.18 6.27
CA LEU A 97 -0.02 -7.24 5.64
C LEU A 97 -0.59 -7.98 6.83
N ARG A 98 -1.84 -7.76 7.23
CA ARG A 98 -2.29 -7.89 8.60
C ARG A 98 -1.42 -7.08 9.54
N GLY A 99 -0.91 -5.89 9.21
CA GLY A 99 -0.06 -5.11 10.08
C GLY A 99 1.31 -5.77 10.17
N ASN A 100 1.58 -6.90 9.51
CA ASN A 100 2.84 -7.60 9.64
C ASN A 100 3.79 -7.16 8.53
N PRO A 101 5.09 -7.02 8.78
CA PRO A 101 6.04 -6.56 7.76
C PRO A 101 6.45 -7.65 6.78
N ILE A 102 6.92 -7.08 5.66
CA ILE A 102 7.26 -7.71 4.41
C ILE A 102 8.48 -7.10 3.74
N LYS A 103 8.80 -7.47 2.50
CA LYS A 103 10.10 -7.36 1.88
C LYS A 103 10.26 -6.06 1.09
N ASN A 104 11.46 -5.55 0.83
CA ASN A 104 11.82 -4.36 0.08
C ASN A 104 11.05 -3.13 0.53
N MET A 105 10.74 -3.03 1.83
CA MET A 105 10.09 -2.02 2.64
C MET A 105 10.99 -1.80 3.84
N PRO A 106 11.11 -0.67 4.55
CA PRO A 106 10.43 0.57 4.24
C PRO A 106 11.15 1.21 3.07
N ILE A 107 10.51 2.16 2.40
CA ILE A 107 11.08 3.13 1.48
C ILE A 107 10.80 4.60 1.71
N ASP A 108 11.51 5.51 1.03
CA ASP A 108 11.37 6.95 1.10
C ASP A 108 10.74 7.66 -0.09
N VAL A 109 9.96 8.67 0.25
CA VAL A 109 9.21 9.52 -0.65
C VAL A 109 9.60 10.98 -0.43
N LYS A 110 10.03 11.65 -1.50
CA LYS A 110 10.14 13.09 -1.53
C LYS A 110 8.80 13.75 -1.79
N CYS A 111 8.43 14.71 -0.91
CA CYS A 111 7.15 15.36 -0.78
C CYS A 111 7.22 16.84 -1.08
N ILE A 112 6.26 17.47 -1.77
CA ILE A 112 6.40 18.90 -1.96
C ILE A 112 5.05 19.51 -1.63
N GLU A 113 4.97 20.72 -1.07
CA GLU A 113 3.80 21.31 -0.46
C GLU A 113 2.84 21.95 -1.46
N GLY A 114 2.49 21.26 -2.55
CA GLY A 114 1.52 21.69 -3.52
C GLY A 114 0.07 21.36 -3.20
N MET A 1 -8.81 -12.07 -14.67
CA MET A 1 -9.63 -11.52 -13.59
C MET A 1 -10.46 -12.62 -12.91
N HIS A 2 -10.03 -13.04 -11.72
CA HIS A 2 -10.59 -14.11 -10.91
C HIS A 2 -11.14 -13.75 -9.54
N HIS A 3 -11.15 -12.47 -9.15
CA HIS A 3 -11.55 -12.06 -7.84
C HIS A 3 -13.06 -12.11 -7.57
N HIS A 4 -13.45 -12.92 -6.59
CA HIS A 4 -14.85 -13.13 -6.27
C HIS A 4 -15.08 -13.81 -4.93
N HIS A 5 -15.85 -13.19 -4.04
CA HIS A 5 -16.00 -13.68 -2.68
C HIS A 5 -17.04 -14.80 -2.56
N HIS A 6 -16.83 -15.94 -1.93
CA HIS A 6 -17.72 -17.09 -1.96
C HIS A 6 -17.82 -17.80 -0.62
N HIS A 7 -16.72 -17.78 0.13
CA HIS A 7 -16.52 -18.49 1.38
C HIS A 7 -15.98 -17.63 2.50
N ALA A 8 -16.22 -18.01 3.76
CA ALA A 8 -15.75 -17.30 4.93
C ALA A 8 -14.26 -17.43 5.13
N SER A 9 -13.62 -18.61 5.08
CA SER A 9 -12.19 -18.76 4.99
C SER A 9 -11.61 -18.31 3.65
N LYS A 10 -10.49 -17.57 3.65
CA LYS A 10 -9.77 -17.12 2.48
C LYS A 10 -8.28 -17.47 2.48
N PRO A 11 -7.59 -17.57 1.34
CA PRO A 11 -6.14 -17.51 1.26
C PRO A 11 -5.56 -16.21 1.83
N ALA A 12 -4.26 -16.21 2.10
CA ALA A 12 -3.50 -15.12 2.67
C ALA A 12 -2.43 -14.65 1.73
N PRO A 13 -2.19 -13.34 1.57
CA PRO A 13 -1.04 -12.85 0.83
C PRO A 13 0.31 -13.18 1.48
N SER A 14 1.44 -12.97 0.79
CA SER A 14 2.76 -13.39 1.20
C SER A 14 3.85 -12.42 0.79
N ALA A 15 5.10 -12.52 1.28
CA ALA A 15 6.22 -11.67 0.96
C ALA A 15 6.81 -11.78 -0.44
N GLU A 16 7.01 -12.99 -0.98
CA GLU A 16 7.32 -13.25 -2.37
C GLU A 16 6.21 -12.74 -3.29
N HIS A 17 5.02 -12.55 -2.71
CA HIS A 17 3.71 -12.49 -3.32
C HIS A 17 2.93 -11.21 -2.95
N SER A 18 3.58 -10.16 -2.46
CA SER A 18 2.96 -8.86 -2.35
C SER A 18 4.03 -7.84 -2.71
N TYR A 19 3.72 -6.97 -3.67
CA TYR A 19 4.52 -5.94 -4.31
C TYR A 19 3.63 -4.81 -4.84
N ALA A 20 4.20 -3.63 -5.03
CA ALA A 20 3.55 -2.36 -5.25
C ALA A 20 4.19 -1.41 -6.26
N GLU A 21 3.31 -0.63 -6.90
CA GLU A 21 3.68 0.22 -8.02
C GLU A 21 2.88 1.50 -7.97
N GLY A 22 3.43 2.66 -8.33
CA GLY A 22 2.70 3.89 -8.50
C GLY A 22 3.30 5.19 -8.00
N GLU A 23 2.64 6.29 -8.30
CA GLU A 23 3.21 7.62 -8.11
C GLU A 23 3.37 7.98 -6.63
N GLY A 24 2.58 7.37 -5.74
CA GLY A 24 2.63 7.41 -4.28
C GLY A 24 3.87 6.82 -3.63
N LEU A 25 4.86 6.46 -4.44
CA LEU A 25 6.18 6.02 -4.05
C LEU A 25 7.23 6.98 -4.56
N VAL A 26 6.92 8.05 -5.31
CA VAL A 26 7.85 8.90 -6.03
C VAL A 26 7.57 10.36 -5.69
N LYS A 27 6.36 10.90 -5.85
CA LYS A 27 6.11 12.32 -5.68
C LYS A 27 4.74 12.60 -5.08
N VAL A 28 4.67 13.25 -3.92
CA VAL A 28 3.49 13.48 -3.13
C VAL A 28 3.42 14.98 -2.91
N PHE A 29 2.22 15.57 -3.00
CA PHE A 29 2.01 16.99 -2.85
C PHE A 29 0.93 17.26 -1.80
N ASP A 30 0.35 18.46 -1.72
CA ASP A 30 -0.53 18.87 -0.65
C ASP A 30 -2.01 18.85 -0.99
N ASN A 31 -2.47 19.44 -2.10
CA ASN A 31 -3.84 19.56 -2.60
C ASN A 31 -4.02 18.70 -3.84
N ALA A 32 -2.99 17.92 -4.16
CA ALA A 32 -3.00 16.80 -5.09
C ALA A 32 -2.56 15.51 -4.41
N PRO A 33 -3.46 14.77 -3.76
CA PRO A 33 -3.01 13.52 -3.20
C PRO A 33 -2.36 12.56 -4.20
N ALA A 34 -1.38 11.80 -3.71
CA ALA A 34 -0.81 10.70 -4.46
C ALA A 34 -1.36 9.30 -4.26
N GLU A 35 -1.06 8.43 -5.21
CA GLU A 35 -1.59 7.09 -5.26
C GLU A 35 -0.64 5.95 -5.60
N PHE A 36 -0.77 4.73 -5.10
CA PHE A 36 -0.04 3.56 -5.54
C PHE A 36 -0.84 2.33 -5.15
N THR A 37 -0.61 1.16 -5.75
CA THR A 37 -1.44 -0.01 -5.69
C THR A 37 -0.75 -1.23 -5.09
N ILE A 38 -1.34 -1.89 -4.10
CA ILE A 38 -0.82 -3.06 -3.42
C ILE A 38 -1.29 -4.24 -4.25
N PHE A 39 -0.39 -4.89 -5.01
CA PHE A 39 -0.64 -6.09 -5.78
C PHE A 39 -0.52 -7.43 -5.07
N ALA A 40 -1.56 -8.24 -4.87
CA ALA A 40 -1.51 -9.38 -3.97
C ALA A 40 -1.78 -10.70 -4.67
N VAL A 41 -1.02 -11.72 -4.31
CA VAL A 41 -1.05 -13.11 -4.65
C VAL A 41 -1.01 -13.99 -3.40
N ASP A 42 -1.70 -15.13 -3.35
CA ASP A 42 -1.51 -16.00 -2.21
C ASP A 42 -0.13 -16.60 -2.30
N THR A 43 -0.11 -17.67 -3.11
CA THR A 43 0.92 -18.61 -3.53
C THR A 43 0.74 -19.29 -4.88
N LYS A 44 -0.46 -19.40 -5.45
CA LYS A 44 -0.72 -20.09 -6.70
C LYS A 44 -0.40 -19.34 -7.97
N GLY A 45 0.39 -18.25 -7.95
CA GLY A 45 0.69 -17.40 -9.08
C GLY A 45 -0.26 -16.27 -9.47
N VAL A 46 -1.52 -16.61 -9.72
CA VAL A 46 -2.59 -15.66 -9.95
C VAL A 46 -2.86 -14.79 -8.75
N ALA A 47 -3.25 -13.53 -9.01
CA ALA A 47 -3.60 -12.60 -7.98
C ALA A 47 -4.63 -13.17 -7.04
N ARG A 48 -4.93 -12.52 -5.90
CA ARG A 48 -5.84 -13.03 -4.88
C ARG A 48 -7.28 -13.08 -5.34
N THR A 49 -7.95 -14.23 -5.40
CA THR A 49 -9.24 -14.64 -5.91
C THR A 49 -10.47 -14.32 -5.08
N ASP A 50 -10.14 -13.66 -3.95
CA ASP A 50 -11.06 -12.92 -3.12
C ASP A 50 -10.20 -12.00 -2.30
N GLY A 51 -10.78 -11.28 -1.35
CA GLY A 51 -10.50 -9.89 -0.97
C GLY A 51 -10.62 -9.55 0.52
N GLY A 52 -10.54 -8.24 0.77
CA GLY A 52 -10.67 -7.63 2.07
C GLY A 52 -9.68 -8.24 3.04
N ASP A 53 -8.41 -8.42 2.67
CA ASP A 53 -7.35 -8.89 3.53
C ASP A 53 -6.67 -7.74 4.29
N PRO A 54 -6.35 -7.88 5.57
CA PRO A 54 -5.88 -6.78 6.40
C PRO A 54 -4.49 -6.27 6.00
N PHE A 55 -4.43 -4.93 6.01
CA PHE A 55 -3.31 -4.27 5.38
C PHE A 55 -3.12 -2.83 5.88
N GLU A 56 -1.88 -2.34 5.88
CA GLU A 56 -1.53 -1.12 6.58
C GLU A 56 -0.36 -0.36 5.98
N VAL A 57 -0.57 0.95 5.87
CA VAL A 57 0.38 1.87 5.26
C VAL A 57 0.68 3.08 6.12
N ALA A 58 1.61 2.85 7.06
CA ALA A 58 1.99 3.83 8.06
C ALA A 58 3.28 4.51 7.69
N ILE A 59 3.30 5.81 7.99
CA ILE A 59 4.26 6.74 7.44
C ILE A 59 4.81 7.59 8.58
N ASN A 60 6.07 7.99 8.45
CA ASN A 60 6.71 9.01 9.26
C ASN A 60 7.12 10.18 8.37
N GLY A 61 6.58 11.37 8.62
CA GLY A 61 7.12 12.60 8.08
C GLY A 61 7.80 13.64 8.97
N PRO A 62 7.91 14.90 8.55
CA PRO A 62 8.57 15.96 9.26
C PRO A 62 7.84 16.37 10.53
N ASP A 63 8.63 16.67 11.56
CA ASP A 63 8.22 17.04 12.89
C ASP A 63 7.32 15.97 13.49
N GLY A 64 6.09 16.21 13.99
CA GLY A 64 5.19 15.23 14.56
C GLY A 64 4.31 14.38 13.63
N LEU A 65 4.53 14.47 12.32
CA LEU A 65 3.72 13.77 11.34
C LEU A 65 4.09 12.30 11.32
N VAL A 66 3.66 11.53 12.31
CA VAL A 66 3.08 10.23 12.07
C VAL A 66 1.86 10.29 11.17
N VAL A 67 1.78 9.58 10.03
CA VAL A 67 0.72 9.64 9.04
C VAL A 67 0.35 8.21 8.72
N ASP A 68 -0.95 7.92 8.43
CA ASP A 68 -1.40 6.64 7.96
C ASP A 68 -2.25 6.81 6.72
N ALA A 69 -1.93 6.00 5.70
CA ALA A 69 -2.34 6.13 4.31
C ALA A 69 -3.46 5.19 3.91
N LYS A 70 -4.44 5.67 3.16
CA LYS A 70 -5.70 4.96 3.12
C LYS A 70 -5.67 3.79 2.15
N VAL A 71 -5.83 2.56 2.62
CA VAL A 71 -5.91 1.38 1.77
C VAL A 71 -7.37 1.17 1.38
N THR A 72 -7.57 0.96 0.07
CA THR A 72 -8.89 0.58 -0.42
C THR A 72 -8.80 -0.61 -1.36
N ASP A 73 -9.54 -1.70 -1.11
CA ASP A 73 -9.65 -2.90 -1.90
C ASP A 73 -10.31 -2.60 -3.24
N ASN A 74 -9.55 -2.86 -4.30
CA ASN A 74 -10.04 -2.72 -5.66
C ASN A 74 -10.89 -3.83 -6.27
N ASN A 75 -11.12 -4.94 -5.56
CA ASN A 75 -11.92 -6.11 -5.85
C ASN A 75 -11.38 -6.98 -6.99
N ASP A 76 -10.07 -6.92 -7.23
CA ASP A 76 -9.49 -7.45 -8.44
C ASP A 76 -8.23 -8.25 -8.14
N GLY A 77 -7.74 -8.32 -6.90
CA GLY A 77 -6.46 -8.92 -6.51
C GLY A 77 -5.58 -7.90 -5.82
N THR A 78 -5.87 -6.61 -5.89
CA THR A 78 -5.11 -5.42 -5.50
C THR A 78 -5.93 -4.41 -4.71
N TYR A 79 -5.21 -3.47 -4.09
CA TYR A 79 -5.65 -2.44 -3.17
C TYR A 79 -5.03 -1.13 -3.65
N GLY A 80 -5.78 -0.04 -3.65
CA GLY A 80 -5.39 1.33 -3.95
C GLY A 80 -5.00 1.99 -2.64
N VAL A 81 -3.93 2.77 -2.69
CA VAL A 81 -3.41 3.52 -1.56
C VAL A 81 -3.36 4.99 -1.93
N VAL A 82 -3.88 5.90 -1.10
CA VAL A 82 -3.85 7.31 -1.37
C VAL A 82 -3.45 8.14 -0.15
N TYR A 83 -2.67 9.20 -0.35
CA TYR A 83 -2.23 10.07 0.72
C TYR A 83 -1.73 11.45 0.30
N ASP A 84 -1.50 12.39 1.21
CA ASP A 84 -0.99 13.71 0.93
C ASP A 84 0.06 14.28 1.89
N ALA A 85 0.75 15.34 1.50
CA ALA A 85 1.84 15.89 2.29
C ALA A 85 1.52 17.36 2.54
N PRO A 86 1.24 17.77 3.78
CA PRO A 86 1.14 19.19 4.09
C PRO A 86 2.41 20.02 4.00
N VAL A 87 3.58 19.39 3.81
CA VAL A 87 4.85 20.05 4.03
C VAL A 87 5.91 19.52 3.08
N GLU A 88 6.64 20.48 2.52
CA GLU A 88 7.86 20.21 1.80
C GLU A 88 8.88 19.45 2.65
N GLY A 89 9.21 18.22 2.26
CA GLY A 89 10.03 17.35 3.08
C GLY A 89 10.08 15.92 2.56
N ASN A 90 10.59 15.02 3.42
CA ASN A 90 10.64 13.61 3.15
C ASN A 90 9.63 12.79 3.93
N TYR A 91 8.96 11.79 3.34
CA TYR A 91 8.13 10.77 3.94
C TYR A 91 8.89 9.44 3.98
N ASN A 92 8.78 8.68 5.09
CA ASN A 92 9.26 7.32 5.23
C ASN A 92 8.21 6.23 5.42
N VAL A 93 8.24 5.31 4.46
CA VAL A 93 7.12 4.47 4.15
C VAL A 93 7.43 2.99 4.36
N ASN A 94 6.50 2.32 5.02
CA ASN A 94 6.45 0.89 5.23
C ASN A 94 5.06 0.37 4.85
N VAL A 95 4.96 -0.78 4.18
CA VAL A 95 3.72 -1.50 3.95
C VAL A 95 3.68 -2.86 4.65
N THR A 96 2.62 -3.04 5.42
CA THR A 96 2.56 -4.17 6.33
C THR A 96 1.25 -4.96 6.29
N LEU A 97 1.22 -6.27 6.47
CA LEU A 97 0.46 -7.27 5.74
C LEU A 97 -0.12 -8.23 6.76
N ARG A 98 -1.38 -7.95 7.12
CA ARG A 98 -1.79 -8.26 8.48
C ARG A 98 -0.83 -7.85 9.60
N GLY A 99 -0.24 -6.66 9.42
CA GLY A 99 0.76 -6.23 10.37
C GLY A 99 2.10 -6.98 10.38
N ASN A 100 2.49 -7.75 9.37
CA ASN A 100 3.82 -8.27 9.13
C ASN A 100 4.51 -7.55 7.98
N PRO A 101 5.83 -7.45 7.89
CA PRO A 101 6.54 -6.76 6.83
C PRO A 101 6.81 -7.61 5.60
N ILE A 102 7.25 -6.92 4.56
CA ILE A 102 7.65 -7.56 3.32
C ILE A 102 9.02 -7.04 2.90
N LYS A 103 9.42 -7.45 1.70
CA LYS A 103 10.68 -7.06 1.11
C LYS A 103 10.82 -5.60 0.75
N ASN A 104 11.97 -5.04 0.39
CA ASN A 104 12.16 -3.71 -0.17
C ASN A 104 11.47 -2.52 0.49
N MET A 105 11.23 -2.64 1.80
CA MET A 105 10.57 -1.73 2.70
C MET A 105 11.37 -1.63 3.99
N PRO A 106 11.52 -0.57 4.77
CA PRO A 106 11.01 0.76 4.49
C PRO A 106 11.66 1.50 3.32
N ILE A 107 11.05 2.60 2.91
CA ILE A 107 11.52 3.49 1.85
C ILE A 107 11.20 4.96 2.06
N ASP A 108 11.86 5.90 1.39
CA ASP A 108 11.70 7.33 1.51
C ASP A 108 11.12 7.96 0.25
N VAL A 109 10.09 8.80 0.40
CA VAL A 109 9.34 9.45 -0.65
C VAL A 109 9.43 10.95 -0.42
N LYS A 110 9.56 11.69 -1.52
CA LYS A 110 9.60 13.14 -1.51
C LYS A 110 8.26 13.85 -1.67
N CYS A 111 8.15 14.91 -0.86
CA CYS A 111 7.01 15.77 -0.64
C CYS A 111 7.38 17.18 -1.10
N ILE A 112 6.56 17.76 -1.97
CA ILE A 112 6.59 19.20 -2.15
C ILE A 112 5.16 19.65 -1.90
N GLU A 113 4.92 20.72 -1.13
CA GLU A 113 3.62 21.22 -0.75
C GLU A 113 2.77 21.94 -1.81
N GLY A 114 2.48 21.29 -2.93
CA GLY A 114 1.47 21.71 -3.88
C GLY A 114 0.03 21.33 -3.56
N MET A 1 -11.50 -13.13 -14.99
CA MET A 1 -11.17 -12.72 -13.63
C MET A 1 -11.40 -13.89 -12.69
N HIS A 2 -10.30 -14.32 -12.06
CA HIS A 2 -10.25 -15.33 -11.02
C HIS A 2 -10.48 -14.74 -9.65
N HIS A 3 -10.78 -13.46 -9.43
CA HIS A 3 -11.08 -12.94 -8.12
C HIS A 3 -12.54 -13.05 -7.74
N HIS A 4 -12.97 -13.67 -6.63
CA HIS A 4 -14.31 -14.05 -6.27
C HIS A 4 -14.46 -14.59 -4.85
N HIS A 5 -15.43 -14.10 -4.08
CA HIS A 5 -15.81 -14.37 -2.73
C HIS A 5 -16.94 -15.40 -2.77
N HIS A 6 -16.53 -16.67 -2.77
CA HIS A 6 -17.39 -17.85 -2.83
C HIS A 6 -17.17 -18.86 -1.73
N HIS A 7 -16.23 -18.52 -0.82
CA HIS A 7 -15.74 -19.38 0.23
C HIS A 7 -15.61 -18.56 1.51
N ALA A 8 -15.67 -19.08 2.73
CA ALA A 8 -15.51 -18.35 3.97
C ALA A 8 -14.12 -18.25 4.55
N SER A 9 -13.20 -19.18 4.29
CA SER A 9 -11.76 -19.15 4.49
C SER A 9 -11.01 -18.53 3.33
N LYS A 10 -9.87 -17.89 3.61
CA LYS A 10 -8.98 -17.45 2.55
C LYS A 10 -7.58 -18.03 2.52
N PRO A 11 -6.90 -18.15 1.38
CA PRO A 11 -5.45 -17.97 1.36
C PRO A 11 -5.04 -16.53 1.59
N ALA A 12 -3.77 -16.26 1.91
CA ALA A 12 -3.22 -15.03 2.43
C ALA A 12 -2.10 -14.46 1.57
N PRO A 13 -1.81 -13.16 1.56
CA PRO A 13 -0.60 -12.60 1.00
C PRO A 13 0.71 -13.00 1.68
N SER A 14 1.83 -12.99 0.97
CA SER A 14 3.15 -13.32 1.48
C SER A 14 4.02 -12.09 1.20
N ALA A 15 5.04 -11.88 2.04
CA ALA A 15 6.18 -11.00 1.78
C ALA A 15 6.88 -11.26 0.46
N GLU A 16 6.98 -12.55 0.11
CA GLU A 16 7.43 -13.03 -1.16
C GLU A 16 6.55 -12.47 -2.28
N HIS A 17 5.29 -12.20 -1.97
CA HIS A 17 4.09 -12.13 -2.80
C HIS A 17 3.24 -10.90 -2.49
N SER A 18 3.81 -9.82 -1.97
CA SER A 18 3.18 -8.51 -1.89
C SER A 18 4.08 -7.30 -1.98
N TYR A 19 3.77 -6.52 -3.02
CA TYR A 19 4.61 -5.52 -3.64
C TYR A 19 3.85 -4.32 -4.17
N ALA A 20 4.31 -3.06 -4.10
CA ALA A 20 3.53 -1.90 -4.48
C ALA A 20 4.08 -0.94 -5.54
N GLU A 21 3.27 -0.40 -6.45
CA GLU A 21 3.75 0.47 -7.50
C GLU A 21 2.85 1.69 -7.70
N GLY A 22 3.40 2.84 -8.09
CA GLY A 22 2.68 4.00 -8.56
C GLY A 22 3.31 5.34 -8.18
N GLU A 23 2.71 6.42 -8.68
CA GLU A 23 3.11 7.78 -8.39
C GLU A 23 3.12 8.09 -6.91
N GLY A 24 2.25 7.57 -6.05
CA GLY A 24 2.35 7.58 -4.60
C GLY A 24 3.59 6.94 -4.01
N LEU A 25 4.50 6.35 -4.81
CA LEU A 25 5.86 6.08 -4.39
C LEU A 25 6.84 6.98 -5.10
N VAL A 26 6.50 8.21 -5.51
CA VAL A 26 7.39 9.07 -6.26
C VAL A 26 7.18 10.56 -6.03
N LYS A 27 5.96 11.09 -5.95
CA LYS A 27 5.63 12.49 -5.75
C LYS A 27 4.30 12.67 -5.04
N VAL A 28 4.22 13.49 -3.99
CA VAL A 28 3.10 13.55 -3.07
C VAL A 28 2.95 15.01 -2.70
N PHE A 29 1.73 15.54 -2.56
CA PHE A 29 1.50 16.97 -2.43
C PHE A 29 0.49 17.34 -1.35
N ASP A 30 0.34 18.63 -1.06
CA ASP A 30 -0.49 19.08 0.03
C ASP A 30 -1.97 19.05 -0.31
N ASN A 31 -2.38 19.64 -1.43
CA ASN A 31 -3.74 19.75 -1.93
C ASN A 31 -3.99 18.77 -3.07
N ALA A 32 -3.05 17.87 -3.33
CA ALA A 32 -3.24 16.77 -4.25
C ALA A 32 -2.71 15.55 -3.50
N PRO A 33 -3.60 14.73 -2.95
CA PRO A 33 -3.26 13.36 -2.59
C PRO A 33 -2.77 12.57 -3.81
N ALA A 34 -1.65 11.86 -3.66
CA ALA A 34 -1.14 10.82 -4.54
C ALA A 34 -1.70 9.45 -4.23
N GLU A 35 -1.55 8.56 -5.21
CA GLU A 35 -2.05 7.21 -5.11
C GLU A 35 -0.99 6.21 -5.56
N PHE A 36 -1.02 4.96 -5.09
CA PHE A 36 -0.27 3.82 -5.59
C PHE A 36 -1.05 2.60 -5.13
N THR A 37 -0.62 1.44 -5.64
CA THR A 37 -1.40 0.20 -5.61
C THR A 37 -0.60 -1.01 -5.15
N ILE A 38 -1.16 -1.75 -4.19
CA ILE A 38 -0.65 -3.03 -3.75
C ILE A 38 -1.15 -4.15 -4.65
N PHE A 39 -0.29 -4.66 -5.53
CA PHE A 39 -0.42 -5.92 -6.23
C PHE A 39 -0.11 -7.21 -5.49
N ALA A 40 -1.08 -8.05 -5.13
CA ALA A 40 -0.86 -9.08 -4.15
C ALA A 40 -1.06 -10.45 -4.79
N VAL A 41 -0.35 -11.43 -4.25
CA VAL A 41 -0.43 -12.84 -4.61
C VAL A 41 -0.38 -13.60 -3.29
N ASP A 42 -0.87 -14.84 -3.31
CA ASP A 42 -0.70 -15.76 -2.21
C ASP A 42 0.66 -16.43 -2.11
N THR A 43 0.95 -17.17 -3.16
CA THR A 43 1.93 -18.24 -3.36
C THR A 43 2.02 -18.75 -4.79
N LYS A 44 0.96 -18.86 -5.59
CA LYS A 44 0.98 -19.50 -6.88
C LYS A 44 0.89 -18.50 -8.04
N GLY A 45 1.59 -17.36 -7.97
CA GLY A 45 1.70 -16.27 -8.92
C GLY A 45 0.47 -15.59 -9.48
N VAL A 46 -0.72 -16.21 -9.55
CA VAL A 46 -2.00 -15.59 -9.83
C VAL A 46 -2.31 -14.64 -8.68
N ALA A 47 -2.58 -13.38 -9.04
CA ALA A 47 -3.23 -12.38 -8.22
C ALA A 47 -4.26 -12.86 -7.22
N ARG A 48 -4.13 -12.49 -5.94
CA ARG A 48 -5.04 -12.95 -4.90
C ARG A 48 -6.51 -13.16 -5.26
N THR A 49 -7.07 -14.36 -5.09
CA THR A 49 -8.30 -14.84 -5.67
C THR A 49 -9.51 -14.31 -4.94
N ASP A 50 -9.33 -13.54 -3.86
CA ASP A 50 -10.34 -12.89 -3.04
C ASP A 50 -9.68 -11.80 -2.22
N GLY A 51 -10.47 -10.95 -1.58
CA GLY A 51 -9.98 -9.66 -1.13
C GLY A 51 -10.17 -9.49 0.38
N GLY A 52 -10.20 -8.22 0.78
CA GLY A 52 -10.42 -7.81 2.15
C GLY A 52 -9.31 -8.37 3.03
N ASP A 53 -8.05 -8.38 2.58
CA ASP A 53 -6.86 -8.75 3.32
C ASP A 53 -6.48 -7.60 4.23
N PRO A 54 -5.75 -7.78 5.35
CA PRO A 54 -5.54 -6.77 6.35
C PRO A 54 -4.31 -5.87 6.22
N PHE A 55 -4.20 -5.07 5.15
CA PHE A 55 -3.16 -4.07 4.97
C PHE A 55 -3.11 -2.81 5.82
N GLU A 56 -1.91 -2.29 6.05
CA GLU A 56 -1.60 -1.00 6.61
C GLU A 56 -0.28 -0.44 6.11
N VAL A 57 -0.45 0.80 5.66
CA VAL A 57 0.49 1.69 4.99
C VAL A 57 0.68 2.84 5.97
N ALA A 58 1.62 2.73 6.92
CA ALA A 58 1.96 3.72 7.92
C ALA A 58 3.26 4.35 7.47
N ILE A 59 3.33 5.66 7.72
CA ILE A 59 4.32 6.61 7.27
C ILE A 59 4.88 7.49 8.38
N ASN A 60 6.10 8.04 8.28
CA ASN A 60 6.80 8.98 9.12
C ASN A 60 7.22 10.19 8.29
N GLY A 61 6.86 11.41 8.71
CA GLY A 61 7.38 12.66 8.19
C GLY A 61 8.11 13.47 9.26
N PRO A 62 8.60 14.67 8.94
CA PRO A 62 9.38 15.43 9.87
C PRO A 62 8.64 15.66 11.18
N ASP A 63 9.24 15.29 12.31
CA ASP A 63 8.76 15.55 13.66
C ASP A 63 7.42 14.84 13.90
N GLY A 64 6.41 15.67 14.18
CA GLY A 64 5.19 15.14 14.72
C GLY A 64 4.33 14.39 13.70
N LEU A 65 4.68 14.44 12.42
CA LEU A 65 3.94 13.68 11.43
C LEU A 65 4.15 12.18 11.34
N VAL A 66 3.51 11.51 12.30
CA VAL A 66 2.88 10.22 12.11
C VAL A 66 1.74 10.35 11.12
N VAL A 67 1.78 9.42 10.18
CA VAL A 67 0.81 9.41 9.10
C VAL A 67 0.38 8.00 8.73
N ASP A 68 -0.87 7.73 8.35
CA ASP A 68 -1.31 6.50 7.75
C ASP A 68 -2.06 6.74 6.46
N ALA A 69 -1.74 5.97 5.42
CA ALA A 69 -2.36 6.07 4.11
C ALA A 69 -3.59 5.19 4.02
N LYS A 70 -4.55 5.49 3.15
CA LYS A 70 -5.85 4.86 3.07
C LYS A 70 -5.90 3.80 1.99
N VAL A 71 -5.86 2.55 2.44
CA VAL A 71 -6.12 1.42 1.58
C VAL A 71 -7.56 1.13 1.21
N THR A 72 -7.72 0.78 -0.07
CA THR A 72 -9.02 0.34 -0.55
C THR A 72 -8.87 -0.74 -1.60
N ASP A 73 -9.57 -1.88 -1.46
CA ASP A 73 -9.43 -3.09 -2.23
C ASP A 73 -10.11 -2.96 -3.57
N ASN A 74 -9.47 -3.41 -4.66
CA ASN A 74 -9.99 -3.26 -6.01
C ASN A 74 -10.75 -4.42 -6.63
N ASN A 75 -10.90 -5.52 -5.88
CA ASN A 75 -11.67 -6.70 -6.26
C ASN A 75 -11.05 -7.51 -7.40
N ASP A 76 -9.72 -7.45 -7.53
CA ASP A 76 -8.99 -8.09 -8.60
C ASP A 76 -7.75 -8.82 -8.09
N GLY A 77 -7.36 -8.68 -6.81
CA GLY A 77 -6.13 -9.12 -6.18
C GLY A 77 -5.28 -7.87 -5.87
N THR A 78 -5.65 -6.60 -6.03
CA THR A 78 -4.85 -5.41 -5.85
C THR A 78 -5.56 -4.39 -4.96
N TYR A 79 -4.87 -3.46 -4.31
CA TYR A 79 -5.42 -2.51 -3.37
C TYR A 79 -4.87 -1.11 -3.62
N GLY A 80 -5.72 -0.18 -4.05
CA GLY A 80 -5.42 1.24 -4.09
C GLY A 80 -5.17 1.91 -2.74
N VAL A 81 -4.15 2.78 -2.66
CA VAL A 81 -3.72 3.51 -1.48
C VAL A 81 -3.52 5.00 -1.75
N VAL A 82 -3.99 5.94 -0.95
CA VAL A 82 -3.90 7.37 -1.21
C VAL A 82 -3.39 8.08 0.03
N TYR A 83 -2.55 9.09 -0.25
CA TYR A 83 -2.11 10.02 0.77
C TYR A 83 -1.43 11.27 0.24
N ASP A 84 -1.19 12.21 1.16
CA ASP A 84 -0.98 13.63 0.98
C ASP A 84 0.08 14.12 1.97
N ALA A 85 0.91 15.05 1.48
CA ALA A 85 2.04 15.60 2.21
C ALA A 85 1.87 17.07 2.54
N PRO A 86 1.96 17.55 3.79
CA PRO A 86 1.84 18.95 4.12
C PRO A 86 3.16 19.71 3.94
N VAL A 87 4.24 19.04 3.55
CA VAL A 87 5.56 19.61 3.68
C VAL A 87 6.37 19.59 2.39
N GLU A 88 7.26 20.57 2.17
CA GLU A 88 8.56 20.35 1.59
C GLU A 88 9.38 19.47 2.52
N GLY A 89 9.65 18.24 2.08
CA GLY A 89 10.30 17.22 2.89
C GLY A 89 10.33 15.80 2.35
N ASN A 90 10.59 14.76 3.16
CA ASN A 90 10.60 13.35 2.82
C ASN A 90 9.53 12.57 3.59
N TYR A 91 8.73 11.71 2.96
CA TYR A 91 8.03 10.64 3.65
C TYR A 91 8.83 9.34 3.70
N ASN A 92 8.51 8.57 4.75
CA ASN A 92 9.08 7.26 4.94
C ASN A 92 8.04 6.17 5.19
N VAL A 93 7.96 5.26 4.21
CA VAL A 93 6.77 4.49 3.94
C VAL A 93 6.92 2.99 4.18
N ASN A 94 6.11 2.45 5.10
CA ASN A 94 6.24 1.13 5.66
C ASN A 94 4.88 0.43 5.55
N VAL A 95 4.79 -0.60 4.71
CA VAL A 95 3.62 -1.44 4.48
C VAL A 95 3.74 -2.72 5.29
N THR A 96 2.67 -3.11 5.96
CA THR A 96 2.53 -4.20 6.90
C THR A 96 1.19 -4.95 6.86
N LEU A 97 1.22 -6.20 7.35
CA LEU A 97 0.35 -7.23 6.85
C LEU A 97 -0.27 -7.78 8.12
N ARG A 98 -1.53 -7.45 8.43
CA ARG A 98 -2.12 -7.57 9.75
C ARG A 98 -1.08 -6.99 10.70
N GLY A 99 -0.47 -5.86 10.33
CA GLY A 99 0.53 -5.18 11.13
C GLY A 99 1.92 -5.79 11.27
N ASN A 100 2.18 -6.95 10.67
CA ASN A 100 3.43 -7.68 10.57
C ASN A 100 4.26 -7.21 9.39
N PRO A 101 5.61 -7.25 9.43
CA PRO A 101 6.40 -6.71 8.36
C PRO A 101 6.44 -7.64 7.15
N ILE A 102 7.01 -7.09 6.07
CA ILE A 102 7.20 -7.67 4.77
C ILE A 102 8.58 -7.39 4.20
N LYS A 103 8.93 -7.52 2.91
CA LYS A 103 10.26 -7.40 2.33
C LYS A 103 10.38 -6.02 1.68
N ASN A 104 11.61 -5.53 1.45
CA ASN A 104 11.97 -4.33 0.74
C ASN A 104 11.27 -3.08 1.27
N MET A 105 10.98 -3.01 2.56
CA MET A 105 10.20 -1.96 3.20
C MET A 105 10.99 -1.54 4.43
N PRO A 106 11.00 -0.32 4.97
CA PRO A 106 10.36 0.88 4.46
C PRO A 106 10.97 1.36 3.15
N ILE A 107 10.37 2.40 2.56
CA ILE A 107 10.96 3.09 1.42
C ILE A 107 10.66 4.58 1.53
N ASP A 108 11.22 5.48 0.75
CA ASP A 108 11.18 6.92 0.96
C ASP A 108 10.66 7.71 -0.23
N VAL A 109 9.86 8.75 0.03
CA VAL A 109 9.14 9.48 -0.98
C VAL A 109 9.32 10.98 -0.77
N LYS A 110 9.88 11.68 -1.77
CA LYS A 110 10.02 13.12 -1.84
C LYS A 110 8.64 13.73 -1.91
N CYS A 111 8.44 14.76 -1.07
CA CYS A 111 7.22 15.53 -0.89
C CYS A 111 7.38 17.04 -1.02
N ILE A 112 6.47 17.76 -1.67
CA ILE A 112 6.36 19.20 -1.64
C ILE A 112 4.92 19.62 -1.37
N GLU A 113 4.74 20.78 -0.75
CA GLU A 113 3.48 21.17 -0.14
C GLU A 113 2.49 21.79 -1.11
N GLY A 114 2.37 21.13 -2.28
CA GLY A 114 1.58 21.63 -3.38
C GLY A 114 0.08 21.70 -3.16
#